data_4MN4
#
_entry.id   4MN4
#
_cell.length_a   49.767
_cell.length_b   103.737
_cell.length_c   186.611
_cell.angle_alpha   90.00
_cell.angle_beta   90.00
_cell.angle_gamma   90.00
#
_symmetry.space_group_name_H-M   'P 21 21 21'
#
loop_
_entity.id
_entity.type
_entity.pdbx_description
1 polymer 'DNA topoisomerase 4 subunit A'
2 polymer 'Chromosome partition protein MukB'
3 water water
#
loop_
_entity_poly.entity_id
_entity_poly.type
_entity_poly.pdbx_seq_one_letter_code
_entity_poly.pdbx_strand_id
1 'polypeptide(L)'
;SNASEPVTIVLSQ(MSE)GWVRSAKGHDIDAPGLNYKAGDSFKAAVKGKSNQPVVFVDSTGRSYAIDPITLPSARGQGEP
LTGKLTLPPGATVDH(MSE)L(MSE)ESDDQKLL(MSE)ASDAGYGFVCTFNDLVARNRAGKALITLPENAHV(MSE)PP
VVIEDASD(MSE)LLAITQAGR(MSE)L(MSE)FPVSDLPQLSKGKGNKIINIPSAEAARGEDGLAQLYVLPPQSTLTIH
VGKRKIKLRPEELQKVTGERGRRGTL(MSE)RGLQRIDRVEIDSPRRASSGDSEE
;
A,B
2 'polypeptide(L)'
;SNAERDEVGARKNAVDEEIERLSQPGGSEDQRLNALAERFGGVLLSEIYDDVSLEDAPYFSALYGPSRHAIVVPDLSQVT
EHLEGLTDCPEDLYLIEGDPQSFDDSVFSVDELEKAVVVKIADRQWRYSRFPEVPLFGRAARESRIESLHAEREVLSERF
ATL
;
C,D
#
# COMPACT_ATOMS: atom_id res chain seq x y z
N SER A 4 2.99 -61.06 11.65
CA SER A 4 2.93 -61.85 12.86
C SER A 4 3.41 -61.05 14.06
N GLU A 5 4.73 -60.99 14.24
CA GLU A 5 5.32 -60.25 15.34
C GLU A 5 5.89 -58.91 14.87
N PRO A 6 5.59 -57.84 15.61
CA PRO A 6 6.09 -56.49 15.27
C PRO A 6 7.60 -56.40 15.44
N VAL A 7 8.28 -55.87 14.42
CA VAL A 7 9.73 -55.77 14.45
C VAL A 7 10.23 -54.44 13.88
N THR A 8 11.40 -54.01 14.35
CA THR A 8 12.04 -52.81 13.82
C THR A 8 13.43 -53.18 13.30
N ILE A 9 13.60 -53.10 11.99
CA ILE A 9 14.88 -53.42 11.36
C ILE A 9 15.81 -52.21 11.44
N VAL A 10 16.98 -52.41 12.03
CA VAL A 10 17.92 -51.32 12.23
C VAL A 10 19.16 -51.47 11.34
N LEU A 11 19.52 -50.39 10.65
CA LEU A 11 20.69 -50.37 9.79
C LEU A 11 21.70 -49.36 10.29
N SER A 12 22.96 -49.78 10.39
CA SER A 12 24.03 -48.90 10.86
C SER A 12 24.79 -48.27 9.69
N GLN A 13 25.57 -47.24 9.98
CA GLN A 13 26.34 -46.54 8.96
C GLN A 13 27.30 -47.48 8.23
N MSE A 14 27.82 -48.47 8.95
CA MSE A 14 28.80 -49.41 8.37
CA MSE A 14 28.79 -49.40 8.37
C MSE A 14 28.13 -50.59 7.67
O MSE A 14 28.81 -51.52 7.24
CB MSE A 14 29.76 -49.89 9.45
CB MSE A 14 29.79 -49.88 9.42
CG MSE A 14 30.80 -48.87 9.86
CG MSE A 14 30.70 -48.78 9.94
SE MSE A 14 31.94 -49.48 11.33
SE MSE A 14 31.64 -47.84 8.50
CE MSE A 14 32.44 -51.22 10.63
CE MSE A 14 32.46 -49.38 7.62
N GLY A 15 26.81 -50.56 7.55
CA GLY A 15 26.08 -51.58 6.84
C GLY A 15 25.74 -52.83 7.64
N TRP A 16 25.68 -52.69 8.95
CA TRP A 16 25.25 -53.79 9.81
C TRP A 16 23.74 -53.73 10.05
N VAL A 17 23.12 -54.89 10.17
CA VAL A 17 21.67 -54.96 10.31
C VAL A 17 21.25 -55.91 11.43
N ARG A 18 20.12 -55.63 12.05
CA ARG A 18 19.57 -56.49 13.08
C ARG A 18 18.06 -56.30 13.17
N SER A 19 17.36 -57.35 13.59
CA SER A 19 15.90 -57.31 13.69
C SER A 19 15.45 -57.22 15.15
N ALA A 20 15.07 -56.02 15.57
CA ALA A 20 14.60 -55.81 16.94
C ALA A 20 13.12 -56.16 17.06
N LYS A 21 12.70 -56.48 18.29
CA LYS A 21 11.30 -56.80 18.55
C LYS A 21 10.56 -55.57 19.06
N GLY A 22 9.36 -55.34 18.53
CA GLY A 22 8.56 -54.20 18.93
C GLY A 22 8.71 -53.01 18.01
N HIS A 23 7.78 -52.07 18.09
CA HIS A 23 7.81 -50.87 17.25
C HIS A 23 8.11 -49.62 18.06
N ASP A 24 8.52 -49.81 19.32
CA ASP A 24 8.86 -48.68 20.18
C ASP A 24 10.26 -48.83 20.76
N ILE A 25 11.26 -48.69 19.90
CA ILE A 25 12.65 -48.81 20.34
C ILE A 25 13.46 -47.55 20.06
N ASP A 26 14.45 -47.29 20.92
CA ASP A 26 15.35 -46.16 20.73
C ASP A 26 16.52 -46.60 19.87
N ALA A 27 16.32 -46.63 18.56
CA ALA A 27 17.35 -47.08 17.63
C ALA A 27 18.67 -46.32 17.76
N PRO A 28 18.60 -44.97 17.68
CA PRO A 28 19.82 -44.16 17.84
C PRO A 28 20.58 -44.56 19.09
N GLY A 29 19.85 -44.71 20.20
CA GLY A 29 20.45 -45.15 21.44
C GLY A 29 20.53 -46.66 21.51
N LEU A 30 21.54 -47.23 20.87
CA LEU A 30 21.71 -48.67 20.80
C LEU A 30 23.20 -48.99 20.77
N ASN A 31 23.56 -50.27 20.90
CA ASN A 31 24.96 -50.66 20.90
C ASN A 31 25.51 -50.93 19.50
N TYR A 32 26.40 -50.07 19.04
CA TYR A 32 27.02 -50.21 17.72
C TYR A 32 28.52 -50.47 17.85
N LYS A 33 29.07 -51.19 16.88
N LYS A 33 29.05 -51.14 16.97
CA LYS A 33 30.51 -51.42 16.83
CA LYS A 33 30.50 -51.38 16.90
C LYS A 33 31.24 -50.09 16.90
C LYS A 33 31.23 -50.04 16.99
N ALA A 34 32.47 -50.11 17.39
CA ALA A 34 33.30 -48.92 17.47
C ALA A 34 33.34 -48.19 16.13
N GLY A 35 33.08 -46.89 16.17
CA GLY A 35 33.09 -46.08 14.97
C GLY A 35 31.79 -46.14 14.20
N ASP A 36 30.95 -47.12 14.54
CA ASP A 36 29.67 -47.29 13.88
C ASP A 36 28.59 -46.49 14.60
N SER A 37 27.45 -46.32 13.95
CA SER A 37 26.32 -45.59 14.54
C SER A 37 25.04 -45.85 13.75
N PHE A 38 23.91 -45.48 14.34
CA PHE A 38 22.61 -45.64 13.70
C PHE A 38 22.55 -44.90 12.37
N LYS A 39 21.96 -45.55 11.36
CA LYS A 39 21.77 -44.91 10.06
C LYS A 39 20.28 -44.75 9.75
N ALA A 40 19.55 -45.85 9.81
CA ALA A 40 18.11 -45.83 9.53
C ALA A 40 17.39 -47.01 10.17
N ALA A 41 16.08 -46.85 10.32
CA ALA A 41 15.24 -47.90 10.88
C ALA A 41 13.92 -47.97 10.14
N VAL A 42 13.33 -49.16 10.10
CA VAL A 42 12.04 -49.35 9.44
C VAL A 42 11.16 -50.33 10.22
N LYS A 43 9.87 -50.01 10.34
CA LYS A 43 8.95 -50.82 11.13
C LYS A 43 8.08 -51.69 10.23
N GLY A 44 7.91 -52.95 10.62
CA GLY A 44 7.09 -53.88 9.86
C GLY A 44 6.77 -55.14 10.64
N LYS A 45 6.27 -56.16 9.94
CA LYS A 45 5.95 -57.42 10.57
C LYS A 45 7.03 -58.47 10.28
N SER A 46 7.10 -59.49 11.11
CA SER A 46 8.11 -60.53 10.99
C SER A 46 7.92 -61.36 9.73
N ASN A 47 6.70 -61.37 9.19
CA ASN A 47 6.38 -62.21 8.05
C ASN A 47 6.52 -61.52 6.69
N GLN A 48 6.72 -60.20 6.71
CA GLN A 48 6.91 -59.46 5.47
C GLN A 48 8.38 -59.12 5.24
N PRO A 49 8.83 -59.19 3.98
CA PRO A 49 10.23 -58.96 3.63
C PRO A 49 10.67 -57.51 3.83
N VAL A 50 11.94 -57.32 4.16
CA VAL A 50 12.51 -55.98 4.21
C VAL A 50 13.34 -55.74 2.96
N VAL A 51 13.08 -54.62 2.28
CA VAL A 51 13.81 -54.29 1.07
C VAL A 51 14.91 -53.26 1.32
N PHE A 52 16.07 -53.50 0.72
CA PHE A 52 17.19 -52.56 0.81
C PHE A 52 17.47 -51.97 -0.57
N VAL A 53 17.87 -50.70 -0.59
CA VAL A 53 18.26 -50.05 -1.83
C VAL A 53 19.65 -49.44 -1.66
N ASP A 54 20.60 -49.87 -2.50
CA ASP A 54 21.96 -49.37 -2.39
C ASP A 54 22.17 -48.08 -3.19
N SER A 55 23.38 -47.54 -3.09
CA SER A 55 23.70 -46.25 -3.68
C SER A 55 23.80 -46.28 -5.21
N THR A 56 23.89 -47.49 -5.78
CA THR A 56 23.97 -47.63 -7.23
C THR A 56 22.59 -47.76 -7.85
N GLY A 57 21.57 -47.93 -7.02
CA GLY A 57 20.21 -48.04 -7.49
C GLY A 57 19.70 -49.47 -7.59
N ARG A 58 20.40 -50.39 -6.93
CA ARG A 58 19.97 -51.80 -6.89
C ARG A 58 19.13 -52.07 -5.66
N SER A 59 18.18 -52.99 -5.78
CA SER A 59 17.33 -53.34 -4.65
C SER A 59 17.53 -54.80 -4.23
N TYR A 60 17.36 -55.07 -2.94
CA TYR A 60 17.49 -56.41 -2.39
C TYR A 60 16.36 -56.66 -1.42
N ALA A 61 16.03 -57.92 -1.22
CA ALA A 61 15.01 -58.30 -0.25
C ALA A 61 15.55 -59.39 0.67
N ILE A 62 15.26 -59.27 1.96
CA ILE A 62 15.68 -60.26 2.94
C ILE A 62 14.54 -60.59 3.90
N ASP A 63 14.34 -61.87 4.16
CA ASP A 63 13.32 -62.31 5.11
C ASP A 63 13.78 -62.03 6.54
N PRO A 64 13.04 -61.16 7.24
CA PRO A 64 13.35 -60.72 8.60
C PRO A 64 13.62 -61.88 9.54
N ILE A 65 13.00 -63.03 9.27
CA ILE A 65 13.15 -64.20 10.13
C ILE A 65 14.60 -64.70 10.16
N THR A 66 15.35 -64.39 9.11
CA THR A 66 16.73 -64.86 8.98
C THR A 66 17.73 -63.88 9.59
N LEU A 67 17.23 -62.75 10.08
CA LEU A 67 18.09 -61.73 10.65
C LEU A 67 18.33 -61.95 12.15
N PRO A 68 19.49 -61.46 12.65
CA PRO A 68 19.84 -61.59 14.07
C PRO A 68 19.08 -60.57 14.92
N SER A 69 18.72 -60.98 16.14
CA SER A 69 18.00 -60.09 17.05
C SER A 69 18.85 -58.88 17.43
N ALA A 70 18.19 -57.85 17.94
CA ALA A 70 18.89 -56.63 18.34
C ALA A 70 19.61 -56.82 19.67
N ARG A 71 19.56 -58.03 20.20
CA ARG A 71 20.24 -58.34 21.45
C ARG A 71 21.74 -58.17 21.28
N GLY A 72 22.23 -58.46 20.07
CA GLY A 72 23.63 -58.27 19.75
C GLY A 72 23.82 -57.16 18.74
N GLN A 73 25.07 -56.86 18.40
CA GLN A 73 25.38 -55.78 17.47
C GLN A 73 24.87 -56.04 16.06
N GLY A 74 24.41 -57.27 15.81
CA GLY A 74 23.83 -57.62 14.54
C GLY A 74 24.78 -58.38 13.63
N GLU A 75 24.66 -58.15 12.32
CA GLU A 75 25.50 -58.83 11.34
C GLU A 75 25.74 -57.96 10.12
N PRO A 76 26.92 -58.10 9.49
CA PRO A 76 27.23 -57.38 8.26
C PRO A 76 26.23 -57.73 7.18
N LEU A 77 25.69 -56.73 6.50
CA LEU A 77 24.74 -56.95 5.43
C LEU A 77 25.39 -57.76 4.31
N THR A 78 26.72 -57.69 4.24
CA THR A 78 27.48 -58.43 3.24
C THR A 78 27.36 -59.94 3.41
N GLY A 79 26.87 -60.36 4.58
CA GLY A 79 26.67 -61.77 4.85
C GLY A 79 25.61 -62.37 3.94
N LYS A 80 24.57 -61.59 3.67
CA LYS A 80 23.47 -62.08 2.84
C LYS A 80 23.46 -61.42 1.46
N LEU A 81 23.97 -60.20 1.37
CA LEU A 81 23.94 -59.46 0.13
C LEU A 81 25.32 -59.29 -0.49
N THR A 82 25.36 -59.25 -1.83
CA THR A 82 26.58 -58.92 -2.55
C THR A 82 26.39 -57.60 -3.30
N LEU A 83 26.97 -56.54 -2.75
CA LEU A 83 26.82 -55.21 -3.32
C LEU A 83 27.90 -54.91 -4.35
N PRO A 84 27.59 -54.02 -5.31
CA PRO A 84 28.60 -53.54 -6.26
C PRO A 84 29.74 -52.87 -5.50
N PRO A 85 30.96 -52.91 -6.05
CA PRO A 85 32.11 -52.29 -5.40
C PRO A 85 31.84 -50.84 -5.02
N GLY A 86 32.16 -50.48 -3.78
CA GLY A 86 32.04 -49.11 -3.31
C GLY A 86 30.63 -48.68 -2.97
N ALA A 87 29.66 -49.58 -3.14
CA ALA A 87 28.27 -49.26 -2.88
C ALA A 87 27.93 -49.41 -1.40
N THR A 88 27.01 -48.56 -0.94
CA THR A 88 26.46 -48.68 0.41
C THR A 88 24.95 -48.81 0.34
N VAL A 89 24.35 -49.32 1.42
CA VAL A 89 22.89 -49.41 1.50
C VAL A 89 22.34 -48.12 2.10
N ASP A 90 21.46 -47.45 1.37
CA ASP A 90 20.99 -46.13 1.76
C ASP A 90 19.53 -46.08 2.23
N HIS A 91 18.71 -47.00 1.73
CA HIS A 91 17.28 -46.95 2.01
C HIS A 91 16.68 -48.31 2.36
N MSE A 92 15.68 -48.30 3.22
CA MSE A 92 14.95 -49.51 3.61
C MSE A 92 13.45 -49.32 3.47
O MSE A 92 12.92 -48.23 3.70
CB MSE A 92 15.29 -49.93 5.03
CG MSE A 92 16.65 -50.59 5.20
SE MSE A 92 16.79 -51.42 6.96
CE MSE A 92 16.51 -49.85 8.07
N LEU A 93 12.76 -50.40 3.11
CA LEU A 93 11.31 -50.34 2.95
C LEU A 93 10.61 -51.59 3.47
N MSE A 94 9.47 -51.38 4.13
CA MSE A 94 8.59 -52.47 4.50
C MSE A 94 7.14 -52.06 4.23
O MSE A 94 6.51 -51.41 5.06
CB MSE A 94 8.77 -52.85 5.98
CG MSE A 94 10.17 -53.33 6.32
SE MSE A 94 10.25 -54.20 8.07
CE MSE A 94 9.46 -55.91 7.61
N GLU A 95 6.65 -52.43 3.05
CA GLU A 95 5.31 -52.05 2.64
C GLU A 95 4.59 -53.27 2.04
N SER A 96 3.29 -53.12 1.80
CA SER A 96 2.51 -54.17 1.17
C SER A 96 3.04 -54.46 -0.22
N ASP A 97 2.90 -55.70 -0.67
CA ASP A 97 3.37 -56.10 -2.00
C ASP A 97 2.85 -55.17 -3.10
N ASP A 98 1.58 -54.78 -2.99
CA ASP A 98 0.94 -53.98 -4.01
C ASP A 98 1.14 -52.48 -3.79
N GLN A 99 1.86 -52.13 -2.74
CA GLN A 99 2.10 -50.72 -2.41
C GLN A 99 2.81 -50.00 -3.56
N LYS A 100 2.23 -48.88 -3.98
CA LYS A 100 2.81 -48.09 -5.07
C LYS A 100 3.91 -47.18 -4.57
N LEU A 101 5.05 -47.21 -5.26
CA LEU A 101 6.22 -46.42 -4.86
C LEU A 101 6.67 -45.50 -5.98
N LEU A 102 7.37 -44.44 -5.61
CA LEU A 102 7.98 -43.54 -6.58
C LEU A 102 9.50 -43.62 -6.47
N MSE A 103 10.12 -44.17 -7.51
CA MSE A 103 11.58 -44.25 -7.57
C MSE A 103 12.08 -43.15 -8.49
O MSE A 103 11.45 -42.81 -9.49
CB MSE A 103 12.02 -45.61 -8.10
CG MSE A 103 11.49 -46.80 -7.33
SE MSE A 103 11.98 -46.76 -5.45
CE MSE A 103 13.91 -46.59 -5.63
N ALA A 104 13.25 -42.58 -8.16
CA ALA A 104 13.81 -41.51 -8.98
C ALA A 104 15.28 -41.26 -8.69
N SER A 105 15.96 -40.63 -9.64
CA SER A 105 17.33 -40.17 -9.44
C SER A 105 17.32 -38.65 -9.41
N ASP A 106 18.35 -38.05 -8.81
CA ASP A 106 18.41 -36.60 -8.71
C ASP A 106 18.67 -35.95 -10.06
N ALA A 107 18.82 -36.77 -11.10
CA ALA A 107 18.98 -36.28 -12.45
C ALA A 107 17.64 -35.79 -13.01
N GLY A 108 16.56 -36.15 -12.32
CA GLY A 108 15.24 -35.71 -12.70
C GLY A 108 14.42 -36.77 -13.41
N TYR A 109 14.85 -38.02 -13.28
CA TYR A 109 14.14 -39.15 -13.90
C TYR A 109 13.61 -40.11 -12.84
N GLY A 110 12.52 -40.79 -13.16
CA GLY A 110 11.92 -41.74 -12.24
C GLY A 110 10.75 -42.50 -12.83
N PHE A 111 10.15 -43.36 -12.01
CA PHE A 111 8.99 -44.14 -12.43
C PHE A 111 8.19 -44.64 -11.24
N VAL A 112 6.95 -45.04 -11.49
CA VAL A 112 6.09 -45.60 -10.46
C VAL A 112 6.16 -47.11 -10.52
N CYS A 113 6.22 -47.76 -9.36
CA CYS A 113 6.23 -49.22 -9.30
C CYS A 113 5.55 -49.72 -8.03
N THR A 114 5.56 -51.03 -7.83
CA THR A 114 5.05 -51.62 -6.61
C THR A 114 6.20 -52.12 -5.75
N PHE A 115 5.95 -52.29 -4.45
CA PHE A 115 6.94 -52.80 -3.53
C PHE A 115 7.53 -54.11 -4.05
N ASN A 116 6.66 -54.96 -4.61
CA ASN A 116 7.08 -56.26 -5.11
C ASN A 116 8.15 -56.16 -6.19
N ASP A 117 8.16 -55.05 -6.91
CA ASP A 117 9.14 -54.84 -7.97
C ASP A 117 10.56 -54.69 -7.43
N LEU A 118 10.66 -54.29 -6.15
CA LEU A 118 11.96 -54.12 -5.52
C LEU A 118 12.42 -55.41 -4.85
N VAL A 119 11.52 -56.38 -4.76
CA VAL A 119 11.82 -57.64 -4.09
C VAL A 119 12.71 -58.53 -4.95
N ALA A 120 13.96 -58.68 -4.55
CA ALA A 120 14.91 -59.52 -5.24
C ALA A 120 15.73 -60.28 -4.21
N ARG A 121 15.59 -61.60 -4.19
CA ARG A 121 16.17 -62.41 -3.11
C ARG A 121 17.53 -62.99 -3.46
N ASN A 122 17.95 -62.84 -4.70
CA ASN A 122 19.30 -63.23 -5.09
C ASN A 122 20.32 -62.29 -4.48
N ARG A 123 21.52 -62.81 -4.20
CA ARG A 123 22.55 -62.05 -3.51
C ARG A 123 22.86 -60.71 -4.17
N ALA A 124 22.96 -60.72 -5.49
CA ALA A 124 23.34 -59.52 -6.24
C ALA A 124 22.18 -58.54 -6.40
N GLY A 125 20.98 -58.97 -6.01
CA GLY A 125 19.80 -58.13 -6.11
C GLY A 125 19.45 -57.85 -7.56
N LYS A 126 18.71 -56.77 -7.78
CA LYS A 126 18.32 -56.38 -9.13
C LYS A 126 18.62 -54.91 -9.40
N ALA A 127 18.92 -54.59 -10.64
CA ALA A 127 19.14 -53.21 -11.04
C ALA A 127 17.80 -52.50 -11.17
N LEU A 128 17.35 -51.91 -10.06
CA LEU A 128 16.06 -51.25 -10.02
C LEU A 128 16.06 -49.94 -10.82
N ILE A 129 16.92 -49.00 -10.42
CA ILE A 129 16.97 -47.72 -11.11
C ILE A 129 18.35 -47.41 -11.68
N THR A 130 18.38 -47.02 -12.95
CA THR A 130 19.62 -46.69 -13.63
C THR A 130 20.00 -45.22 -13.40
N LEU A 131 21.21 -45.00 -12.90
CA LEU A 131 21.66 -43.66 -12.58
C LEU A 131 22.55 -43.09 -13.69
N PRO A 132 22.22 -41.88 -14.17
CA PRO A 132 23.07 -41.15 -15.10
C PRO A 132 24.38 -40.73 -14.44
N GLU A 133 25.28 -40.15 -15.22
CA GLU A 133 26.60 -39.75 -14.73
C GLU A 133 26.52 -38.87 -13.47
N ASN A 134 27.21 -39.32 -12.42
CA ASN A 134 27.27 -38.59 -11.14
C ASN A 134 25.92 -38.39 -10.45
N ALA A 135 24.92 -39.16 -10.87
CA ALA A 135 23.59 -39.04 -10.28
C ALA A 135 23.46 -39.88 -9.00
N HIS A 136 22.50 -39.52 -8.16
CA HIS A 136 22.25 -40.25 -6.92
C HIS A 136 20.79 -40.68 -6.83
N VAL A 137 20.54 -41.73 -6.06
CA VAL A 137 19.18 -42.20 -5.85
C VAL A 137 18.43 -41.26 -4.92
N MSE A 138 17.18 -40.95 -5.27
CA MSE A 138 16.32 -40.16 -4.41
C MSE A 138 15.69 -41.04 -3.34
O MSE A 138 15.54 -42.24 -3.52
CB MSE A 138 15.21 -39.48 -5.22
CG MSE A 138 15.72 -38.46 -6.23
SE MSE A 138 16.57 -36.95 -5.36
CE MSE A 138 15.03 -36.26 -4.37
N PRO A 139 15.35 -40.44 -2.18
CA PRO A 139 14.63 -41.20 -1.16
C PRO A 139 13.32 -41.71 -1.75
N PRO A 140 13.12 -43.04 -1.72
CA PRO A 140 11.89 -43.62 -2.27
C PRO A 140 10.67 -42.97 -1.64
N VAL A 141 9.62 -42.76 -2.42
CA VAL A 141 8.41 -42.14 -1.92
C VAL A 141 7.21 -43.10 -1.98
N VAL A 142 6.57 -43.32 -0.83
CA VAL A 142 5.40 -44.18 -0.77
C VAL A 142 4.15 -43.43 -1.18
N ILE A 143 3.55 -43.85 -2.29
CA ILE A 143 2.34 -43.22 -2.81
C ILE A 143 1.11 -43.72 -2.05
N GLU A 144 0.58 -42.87 -1.19
CA GLU A 144 -0.55 -43.23 -0.34
C GLU A 144 -1.88 -43.12 -1.07
N ASP A 145 -1.87 -42.46 -2.23
CA ASP A 145 -3.07 -42.27 -3.03
C ASP A 145 -2.73 -42.05 -4.49
N ALA A 146 -3.28 -42.89 -5.36
CA ALA A 146 -2.99 -42.82 -6.80
C ALA A 146 -3.33 -41.47 -7.41
N SER A 147 -4.26 -40.75 -6.80
CA SER A 147 -4.70 -39.47 -7.33
C SER A 147 -3.94 -38.29 -6.69
N ASP A 148 -2.86 -38.61 -5.98
CA ASP A 148 -2.05 -37.58 -5.34
C ASP A 148 -1.18 -36.82 -6.34
N MSE A 149 -0.67 -35.68 -5.90
CA MSE A 149 0.17 -34.83 -6.75
C MSE A 149 1.65 -35.10 -6.52
O MSE A 149 2.10 -35.20 -5.37
CB MSE A 149 -0.13 -33.35 -6.47
CG MSE A 149 -1.55 -32.91 -6.73
SE MSE A 149 -2.05 -33.07 -8.60
CE MSE A 149 -2.89 -34.83 -8.55
N LEU A 150 2.40 -35.21 -7.61
CA LEU A 150 3.85 -35.25 -7.52
C LEU A 150 4.38 -33.82 -7.53
N LEU A 151 5.27 -33.51 -6.60
CA LEU A 151 5.86 -32.18 -6.52
C LEU A 151 7.39 -32.26 -6.56
N ALA A 152 7.97 -31.63 -7.57
CA ALA A 152 9.43 -31.63 -7.73
C ALA A 152 10.01 -30.25 -7.49
N ILE A 153 11.10 -30.21 -6.72
CA ILE A 153 11.82 -28.97 -6.48
C ILE A 153 13.29 -29.16 -6.81
N THR A 154 13.81 -28.32 -7.70
CA THR A 154 15.19 -28.43 -8.12
C THR A 154 16.12 -27.58 -7.26
N GLN A 155 17.41 -27.87 -7.33
CA GLN A 155 18.42 -27.11 -6.59
C GLN A 155 18.45 -25.67 -7.08
N ALA A 156 18.10 -25.47 -8.35
CA ALA A 156 18.10 -24.14 -8.94
C ALA A 156 16.90 -23.33 -8.46
N GLY A 157 15.94 -24.01 -7.85
CA GLY A 157 14.76 -23.35 -7.31
C GLY A 157 13.56 -23.38 -8.24
N ARG A 158 13.46 -24.43 -9.04
CA ARG A 158 12.31 -24.60 -9.92
C ARG A 158 11.32 -25.62 -9.36
N MSE A 159 10.03 -25.33 -9.52
CA MSE A 159 8.98 -26.20 -9.00
C MSE A 159 8.02 -26.66 -10.09
O MSE A 159 7.60 -25.86 -10.93
CB MSE A 159 8.20 -25.49 -7.89
CG MSE A 159 9.04 -25.08 -6.70
SE MSE A 159 7.91 -24.46 -5.24
CE MSE A 159 7.08 -26.16 -4.77
N LEU A 160 7.67 -27.93 -10.05
CA LEU A 160 6.70 -28.49 -10.98
C LEU A 160 5.81 -29.49 -10.25
N MSE A 161 4.51 -29.40 -10.48
CA MSE A 161 3.55 -30.30 -9.85
C MSE A 161 2.57 -30.88 -10.86
O MSE A 161 1.95 -30.15 -11.63
CB MSE A 161 2.78 -29.58 -8.74
CG MSE A 161 1.95 -30.50 -7.86
SE MSE A 161 1.01 -29.58 -6.41
CE MSE A 161 -0.48 -28.85 -7.44
N PHE A 162 2.44 -32.20 -10.85
CA PHE A 162 1.49 -32.90 -11.72
C PHE A 162 1.05 -34.20 -11.07
N PRO A 163 -0.14 -34.71 -11.47
CA PRO A 163 -0.63 -35.97 -10.92
C PRO A 163 0.41 -37.07 -11.03
N VAL A 164 0.72 -37.73 -9.91
CA VAL A 164 1.70 -38.80 -9.91
C VAL A 164 1.28 -39.92 -10.86
N SER A 165 -0.03 -40.00 -11.10
CA SER A 165 -0.57 -40.99 -12.02
C SER A 165 -0.09 -40.75 -13.45
N ASP A 166 0.43 -39.55 -13.69
CA ASP A 166 0.91 -39.18 -15.02
C ASP A 166 2.27 -39.80 -15.33
N LEU A 167 3.03 -40.14 -14.29
CA LEU A 167 4.34 -40.75 -14.48
C LEU A 167 4.20 -42.24 -14.80
N PRO A 168 4.68 -42.65 -15.97
CA PRO A 168 4.57 -44.04 -16.44
C PRO A 168 5.05 -45.05 -15.40
N GLN A 169 4.34 -46.16 -15.28
CA GLN A 169 4.70 -47.23 -14.35
C GLN A 169 5.67 -48.21 -14.99
N LEU A 170 6.76 -48.49 -14.29
CA LEU A 170 7.80 -49.39 -14.78
C LEU A 170 8.31 -50.30 -13.68
N SER A 171 8.98 -51.37 -14.05
CA SER A 171 9.62 -52.22 -13.06
C SER A 171 11.13 -51.87 -12.96
N LYS A 172 11.64 -51.22 -14.01
CA LYS A 172 13.02 -50.75 -14.14
C LYS A 172 12.96 -49.78 -15.30
N GLY A 173 14.02 -49.00 -15.58
CA GLY A 173 15.22 -48.87 -14.79
C GLY A 173 15.53 -47.39 -14.60
N LYS A 174 15.86 -46.69 -15.68
CA LYS A 174 16.10 -45.25 -15.65
C LYS A 174 14.85 -44.42 -15.35
N GLY A 175 13.74 -44.83 -15.96
CA GLY A 175 12.48 -44.13 -15.80
C GLY A 175 12.35 -42.98 -16.77
N ASN A 176 11.22 -42.29 -16.72
CA ASN A 176 10.98 -41.16 -17.60
C ASN A 176 11.21 -39.82 -16.91
N LYS A 177 11.30 -38.77 -17.70
CA LYS A 177 11.59 -37.44 -17.17
C LYS A 177 10.49 -36.92 -16.25
N ILE A 178 10.87 -36.53 -15.04
CA ILE A 178 9.93 -35.94 -14.09
C ILE A 178 9.91 -34.43 -14.26
N ILE A 179 11.10 -33.84 -14.23
CA ILE A 179 11.27 -32.41 -14.48
C ILE A 179 12.53 -32.21 -15.32
N ASN A 180 12.52 -31.22 -16.19
CA ASN A 180 13.60 -31.06 -17.14
C ASN A 180 14.86 -30.39 -16.58
N ILE A 181 15.93 -31.16 -16.50
CA ILE A 181 17.23 -30.66 -16.09
C ILE A 181 18.28 -31.09 -17.11
N PRO A 182 18.95 -30.13 -17.74
CA PRO A 182 19.97 -30.46 -18.74
C PRO A 182 20.94 -31.51 -18.18
N SER A 183 21.14 -32.60 -18.91
CA SER A 183 21.92 -33.72 -18.40
C SER A 183 23.35 -33.31 -18.00
N ALA A 184 23.94 -32.42 -18.78
CA ALA A 184 25.30 -31.97 -18.51
C ALA A 184 25.40 -31.23 -17.19
N GLU A 185 24.39 -30.44 -16.86
CA GLU A 185 24.36 -29.71 -15.60
C GLU A 185 24.19 -30.68 -14.42
N ALA A 186 23.34 -31.68 -14.61
CA ALA A 186 23.11 -32.69 -13.58
C ALA A 186 24.39 -33.46 -13.29
N ALA A 187 25.13 -33.78 -14.34
CA ALA A 187 26.35 -34.57 -14.21
C ALA A 187 27.49 -33.77 -13.58
N ARG A 188 27.33 -32.45 -13.51
CA ARG A 188 28.35 -31.59 -12.92
C ARG A 188 27.92 -31.03 -11.57
N GLY A 189 26.74 -31.46 -11.11
CA GLY A 189 26.22 -31.02 -9.83
C GLY A 189 25.81 -29.56 -9.82
N GLU A 190 25.63 -28.99 -11.01
CA GLU A 190 25.22 -27.59 -11.13
C GLU A 190 23.73 -27.44 -10.86
N ASP A 191 23.01 -28.54 -10.98
CA ASP A 191 21.58 -28.57 -10.71
C ASP A 191 21.13 -30.00 -10.54
N GLY A 192 19.92 -30.18 -10.01
CA GLY A 192 19.38 -31.51 -9.79
C GLY A 192 18.14 -31.46 -8.91
N LEU A 193 17.57 -32.63 -8.64
CA LEU A 193 16.39 -32.72 -7.79
CA LEU A 193 16.40 -32.73 -7.78
C LEU A 193 16.78 -32.52 -6.33
N ALA A 194 16.22 -31.48 -5.71
CA ALA A 194 16.49 -31.18 -4.32
C ALA A 194 15.45 -31.84 -3.42
N GLN A 195 14.18 -31.75 -3.83
CA GLN A 195 13.09 -32.35 -3.07
C GLN A 195 12.11 -33.04 -4.00
N LEU A 196 11.53 -34.14 -3.53
CA LEU A 196 10.55 -34.88 -4.31
C LEU A 196 9.45 -35.42 -3.39
N TYR A 197 8.23 -34.91 -3.58
CA TYR A 197 7.11 -35.30 -2.72
C TYR A 197 5.95 -35.88 -3.52
N VAL A 198 5.06 -36.56 -2.81
CA VAL A 198 3.77 -37.00 -3.36
C VAL A 198 2.69 -36.73 -2.33
N LEU A 199 1.88 -35.70 -2.57
CA LEU A 199 0.90 -35.26 -1.58
C LEU A 199 -0.43 -34.86 -2.21
N PRO A 200 -1.49 -34.79 -1.37
CA PRO A 200 -2.81 -34.37 -1.85
C PRO A 200 -2.79 -32.96 -2.42
N PRO A 201 -3.69 -32.66 -3.35
CA PRO A 201 -3.78 -31.34 -4.00
C PRO A 201 -3.91 -30.20 -3.00
N GLN A 202 -4.84 -30.33 -2.05
CA GLN A 202 -5.09 -29.29 -1.06
C GLN A 202 -4.04 -29.31 0.06
N SER A 203 -2.78 -29.06 -0.30
CA SER A 203 -1.72 -29.03 0.68
C SER A 203 -1.04 -27.66 0.73
N THR A 204 -0.42 -27.36 1.88
CA THR A 204 0.30 -26.10 2.04
C THR A 204 1.76 -26.36 2.37
N LEU A 205 2.65 -25.65 1.68
CA LEU A 205 4.09 -25.81 1.91
C LEU A 205 4.67 -24.60 2.62
N THR A 206 5.53 -24.86 3.61
CA THR A 206 6.25 -23.80 4.30
C THR A 206 7.74 -24.01 4.13
N ILE A 207 8.34 -23.29 3.19
CA ILE A 207 9.74 -23.47 2.86
C ILE A 207 10.63 -22.47 3.58
N HIS A 208 11.47 -22.96 4.49
CA HIS A 208 12.40 -22.11 5.22
C HIS A 208 13.70 -21.93 4.45
N VAL A 209 14.00 -20.68 4.10
CA VAL A 209 15.23 -20.35 3.39
C VAL A 209 16.01 -19.30 4.18
N GLY A 210 17.00 -19.75 4.95
CA GLY A 210 17.76 -18.85 5.79
C GLY A 210 16.88 -18.17 6.82
N LYS A 211 16.91 -16.83 6.84
CA LYS A 211 16.12 -16.08 7.80
C LYS A 211 14.73 -15.75 7.27
N ARG A 212 14.40 -16.33 6.11
CA ARG A 212 13.10 -16.11 5.48
C ARG A 212 12.31 -17.41 5.40
N LYS A 213 11.00 -17.29 5.18
CA LYS A 213 10.16 -18.45 4.96
C LYS A 213 9.18 -18.18 3.83
N ILE A 214 8.86 -19.22 3.07
CA ILE A 214 7.91 -19.09 1.97
C ILE A 214 6.74 -20.03 2.17
N LYS A 215 5.55 -19.47 2.36
CA LYS A 215 4.35 -20.28 2.53
C LYS A 215 3.57 -20.37 1.23
N LEU A 216 3.41 -21.59 0.72
CA LEU A 216 2.69 -21.82 -0.52
C LEU A 216 1.35 -22.49 -0.26
N ARG A 217 0.28 -21.69 -0.25
CA ARG A 217 -1.08 -22.20 -0.13
C ARG A 217 -1.41 -23.06 -1.34
N PRO A 218 -2.47 -23.87 -1.23
CA PRO A 218 -2.91 -24.70 -2.36
C PRO A 218 -3.08 -23.87 -3.63
N GLU A 219 -3.51 -22.62 -3.47
CA GLU A 219 -3.72 -21.76 -4.61
C GLU A 219 -2.42 -21.35 -5.28
N GLU A 220 -1.34 -21.36 -4.51
CA GLU A 220 -0.03 -21.00 -5.05
C GLU A 220 0.65 -22.15 -5.74
N LEU A 221 0.44 -23.35 -5.23
CA LEU A 221 0.97 -24.53 -5.85
C LEU A 221 0.28 -24.78 -7.16
N GLN A 222 -0.92 -24.26 -7.30
CA GLN A 222 -1.67 -24.40 -8.52
C GLN A 222 -0.94 -23.73 -9.66
N LYS A 223 -0.33 -22.62 -9.35
CA LYS A 223 0.42 -21.84 -10.31
C LYS A 223 1.60 -22.65 -10.84
N VAL A 224 2.12 -23.50 -9.98
CA VAL A 224 3.30 -24.26 -10.27
C VAL A 224 2.95 -25.55 -11.00
N THR A 225 1.66 -25.84 -11.08
CA THR A 225 1.17 -27.04 -11.72
C THR A 225 1.33 -27.01 -13.23
N GLY A 226 1.80 -28.10 -13.79
CA GLY A 226 1.96 -28.22 -15.21
C GLY A 226 2.01 -29.67 -15.66
N GLU A 227 2.62 -29.89 -16.81
CA GLU A 227 2.71 -31.24 -17.36
C GLU A 227 4.05 -31.89 -17.04
N ARG A 228 4.07 -33.21 -17.00
CA ARG A 228 5.28 -33.97 -16.68
C ARG A 228 6.42 -33.64 -17.64
N GLY A 229 7.64 -33.62 -17.11
CA GLY A 229 8.82 -33.41 -17.93
C GLY A 229 9.07 -31.96 -18.30
N ARG A 230 8.22 -31.06 -17.79
CA ARG A 230 8.35 -29.64 -18.07
C ARG A 230 9.51 -29.01 -17.28
N ARG A 231 9.94 -27.83 -17.73
CA ARG A 231 11.08 -27.14 -17.12
C ARG A 231 10.77 -26.74 -15.68
N GLY A 232 9.52 -26.39 -15.42
CA GLY A 232 9.12 -25.95 -14.09
C GLY A 232 9.19 -24.44 -13.95
N THR A 233 8.62 -23.93 -12.88
CA THR A 233 8.60 -22.49 -12.63
C THR A 233 9.72 -22.08 -11.69
N LEU A 234 10.57 -21.15 -12.16
CA LEU A 234 11.66 -20.64 -11.34
C LEU A 234 11.12 -19.75 -10.23
N MSE A 235 11.40 -20.13 -8.98
CA MSE A 235 10.94 -19.38 -7.83
C MSE A 235 12.02 -18.43 -7.33
O MSE A 235 13.18 -18.82 -7.23
CB MSE A 235 10.52 -20.33 -6.71
CG MSE A 235 9.56 -21.43 -7.14
SE MSE A 235 7.79 -20.76 -7.57
CE MSE A 235 7.32 -19.98 -5.84
N ARG A 236 11.64 -17.19 -7.04
CA ARG A 236 12.57 -16.22 -6.51
C ARG A 236 13.02 -16.60 -5.10
N GLY A 237 14.33 -16.59 -4.89
CA GLY A 237 14.89 -16.88 -3.57
C GLY A 237 14.49 -18.24 -3.01
N LEU A 238 14.53 -19.26 -3.85
CA LEU A 238 14.20 -20.61 -3.41
C LEU A 238 15.41 -21.53 -3.49
N GLN A 239 16.60 -20.97 -3.34
CA GLN A 239 17.82 -21.77 -3.36
C GLN A 239 18.32 -22.01 -1.94
N ARG A 240 18.99 -23.14 -1.75
CA ARG A 240 19.54 -23.50 -0.44
C ARG A 240 18.47 -23.59 0.63
N ILE A 241 17.50 -24.48 0.40
CA ILE A 241 16.41 -24.70 1.34
C ILE A 241 16.91 -25.40 2.61
N ASP A 242 16.47 -24.91 3.76
CA ASP A 242 16.88 -25.48 5.04
C ASP A 242 15.86 -26.50 5.55
N ARG A 243 14.58 -26.22 5.30
CA ARG A 243 13.51 -27.06 5.81
C ARG A 243 12.20 -26.84 5.07
N VAL A 244 11.39 -27.89 4.97
CA VAL A 244 10.10 -27.82 4.31
C VAL A 244 9.00 -28.41 5.18
N GLU A 245 8.02 -27.57 5.54
CA GLU A 245 6.87 -28.03 6.32
C GLU A 245 5.70 -28.31 5.38
N ILE A 246 4.99 -29.40 5.63
CA ILE A 246 3.86 -29.78 4.79
C ILE A 246 2.58 -29.99 5.58
N ASP A 247 1.55 -29.25 5.24
CA ASP A 247 0.25 -29.37 5.89
C ASP A 247 -0.75 -30.05 4.96
N SER A 248 -1.12 -31.29 5.30
CA SER A 248 -2.06 -32.05 4.50
C SER A 248 -3.29 -32.43 5.32
N PRO A 249 -4.48 -32.07 4.82
CA PRO A 249 -5.75 -32.37 5.48
C PRO A 249 -6.13 -33.85 5.34
N ASN B 2 48.97 -17.62 -28.49
CA ASN B 2 48.95 -17.34 -27.06
C ASN B 2 47.60 -17.63 -26.43
N ALA B 3 47.15 -18.87 -26.60
CA ALA B 3 45.82 -19.28 -26.15
C ALA B 3 45.55 -18.98 -24.68
N GLU B 4 46.46 -19.44 -23.82
CA GLU B 4 46.23 -19.35 -22.38
C GLU B 4 46.33 -17.92 -21.83
N ARG B 5 47.33 -17.16 -22.29
CA ARG B 5 47.51 -15.81 -21.79
C ARG B 5 46.33 -14.91 -22.14
N ASP B 6 45.79 -15.10 -23.34
CA ASP B 6 44.63 -14.34 -23.77
C ASP B 6 43.40 -14.74 -22.97
N GLU B 7 43.31 -16.01 -22.63
CA GLU B 7 42.20 -16.52 -21.83
C GLU B 7 42.27 -16.01 -20.39
N VAL B 8 43.48 -16.05 -19.82
CA VAL B 8 43.70 -15.56 -18.46
C VAL B 8 43.49 -14.04 -18.40
N GLY B 9 43.99 -13.35 -19.42
CA GLY B 9 43.84 -11.90 -19.49
C GLY B 9 42.38 -11.48 -19.58
N ALA B 10 41.61 -12.23 -20.36
CA ALA B 10 40.19 -11.94 -20.54
C ALA B 10 39.42 -12.14 -19.24
N ARG B 11 39.62 -13.29 -18.61
CA ARG B 11 38.96 -13.60 -17.34
C ARG B 11 39.35 -12.57 -16.28
N LYS B 12 40.60 -12.14 -16.32
CA LYS B 12 41.09 -11.14 -15.38
C LYS B 12 40.36 -9.82 -15.56
N ASN B 13 40.17 -9.42 -16.81
CA ASN B 13 39.40 -8.21 -17.11
C ASN B 13 37.95 -8.37 -16.64
N ALA B 14 37.33 -9.48 -17.03
CA ALA B 14 35.96 -9.77 -16.64
C ALA B 14 35.80 -9.71 -15.13
N VAL B 15 36.78 -10.22 -14.40
CA VAL B 15 36.76 -10.17 -12.95
C VAL B 15 36.77 -8.73 -12.46
N ASP B 16 37.65 -7.93 -13.04
CA ASP B 16 37.72 -6.50 -12.70
C ASP B 16 36.39 -5.81 -13.01
N GLU B 17 35.73 -6.26 -14.07
CA GLU B 17 34.43 -5.71 -14.45
C GLU B 17 33.42 -5.94 -13.33
N GLU B 18 33.31 -7.20 -12.90
CA GLU B 18 32.33 -7.58 -11.88
C GLU B 18 32.63 -6.94 -10.53
N ILE B 19 33.89 -6.99 -10.11
CA ILE B 19 34.29 -6.39 -8.84
C ILE B 19 33.91 -4.91 -8.77
N GLU B 20 34.22 -4.18 -9.85
CA GLU B 20 33.92 -2.76 -9.93
C GLU B 20 32.41 -2.51 -9.95
N ARG B 21 31.68 -3.44 -10.55
CA ARG B 21 30.23 -3.31 -10.67
C ARG B 21 29.51 -3.65 -9.37
N LEU B 22 30.14 -4.47 -8.54
CA LEU B 22 29.52 -4.87 -7.28
C LEU B 22 29.97 -3.98 -6.13
N SER B 23 31.13 -3.35 -6.29
CA SER B 23 31.68 -2.48 -5.24
C SER B 23 31.20 -1.04 -5.40
N GLN B 24 30.66 -0.71 -6.57
CA GLN B 24 30.21 0.65 -6.84
C GLN B 24 29.25 1.13 -5.76
N PRO B 25 29.32 2.42 -5.41
CA PRO B 25 28.56 3.02 -4.32
C PRO B 25 27.07 2.71 -4.37
N GLY B 26 26.57 2.07 -3.32
CA GLY B 26 25.15 1.77 -3.19
C GLY B 26 24.56 2.50 -2.01
N ASP B 30 21.81 5.44 5.43
CA ASP B 30 22.20 6.03 6.70
C ASP B 30 22.25 5.00 7.81
N GLN B 31 23.14 5.23 8.78
CA GLN B 31 23.26 4.35 9.93
C GLN B 31 22.24 4.74 10.99
N ARG B 32 21.42 5.75 10.66
CA ARG B 32 20.32 6.15 11.52
C ARG B 32 19.33 5.01 11.66
N LEU B 33 19.17 4.25 10.58
CA LEU B 33 18.28 3.08 10.59
C LEU B 33 18.87 1.99 11.48
N ASN B 34 20.19 1.87 11.49
CA ASN B 34 20.85 0.91 12.36
C ASN B 34 20.61 1.21 13.84
N ALA B 35 20.71 2.48 14.19
CA ALA B 35 20.48 2.91 15.57
C ALA B 35 19.00 2.76 15.94
N LEU B 36 18.13 3.11 15.01
CA LEU B 36 16.69 2.99 15.23
C LEU B 36 16.28 1.54 15.42
N ALA B 37 16.81 0.66 14.57
CA ALA B 37 16.52 -0.76 14.66
C ALA B 37 16.88 -1.30 16.04
N GLU B 38 18.04 -0.90 16.55
CA GLU B 38 18.49 -1.33 17.86
C GLU B 38 17.57 -0.79 18.95
N ARG B 39 17.15 0.46 18.81
CA ARG B 39 16.28 1.10 19.78
CA ARG B 39 16.28 1.08 19.79
C ARG B 39 14.89 0.45 19.76
N PHE B 40 14.45 0.07 18.58
CA PHE B 40 13.12 -0.52 18.40
C PHE B 40 13.11 -2.01 18.75
N GLY B 41 14.29 -2.59 18.94
CA GLY B 41 14.39 -4.00 19.24
C GLY B 41 14.09 -4.86 18.03
N GLY B 42 14.36 -4.32 16.84
CA GLY B 42 14.15 -5.05 15.60
C GLY B 42 15.42 -5.19 14.79
N VAL B 43 15.28 -5.64 13.56
CA VAL B 43 16.42 -5.75 12.65
C VAL B 43 16.01 -5.24 11.26
N LEU B 44 16.96 -4.70 10.53
CA LEU B 44 16.69 -4.18 9.19
C LEU B 44 16.17 -5.28 8.26
N LEU B 45 15.20 -4.93 7.43
CA LEU B 45 14.67 -5.84 6.43
C LEU B 45 15.77 -6.25 5.46
N SER B 46 16.62 -5.28 5.12
CA SER B 46 17.74 -5.52 4.21
C SER B 46 18.69 -6.57 4.77
N GLU B 47 18.83 -6.60 6.09
CA GLU B 47 19.67 -7.60 6.74
C GLU B 47 19.03 -8.98 6.63
N ILE B 48 17.71 -9.02 6.80
CA ILE B 48 16.97 -10.27 6.68
C ILE B 48 17.08 -10.84 5.26
N TYR B 49 17.22 -9.95 4.28
CA TYR B 49 17.37 -10.35 2.89
C TYR B 49 18.80 -10.28 2.39
N ASP B 50 19.76 -10.32 3.31
CA ASP B 50 21.17 -10.20 2.92
C ASP B 50 21.69 -11.49 2.29
N ASP B 51 21.08 -12.59 2.66
CA ASP B 51 21.34 -13.88 1.99
CA ASP B 51 21.35 -13.88 1.98
C ASP B 51 20.88 -14.14 0.43
N VAL B 52 20.03 -13.30 -0.14
CA VAL B 52 19.49 -13.56 -1.46
C VAL B 52 20.58 -13.46 -2.51
N SER B 53 20.47 -14.31 -3.51
CA SER B 53 21.46 -14.42 -4.55
C SER B 53 21.66 -13.13 -5.35
N LEU B 54 22.79 -13.01 -6.04
CA LEU B 54 23.03 -11.87 -6.92
C LEU B 54 21.92 -11.70 -7.94
N GLU B 55 21.35 -12.82 -8.38
CA GLU B 55 20.30 -12.80 -9.39
C GLU B 55 18.96 -12.31 -8.82
N ASP B 56 18.67 -12.67 -7.58
CA ASP B 56 17.38 -12.35 -6.97
C ASP B 56 17.40 -11.02 -6.21
N ALA B 57 18.59 -10.57 -5.84
CA ALA B 57 18.74 -9.34 -5.04
C ALA B 57 18.01 -8.13 -5.64
N PRO B 58 18.23 -7.84 -6.93
CA PRO B 58 17.57 -6.67 -7.53
C PRO B 58 16.06 -6.82 -7.56
N TYR B 59 15.59 -8.04 -7.80
CA TYR B 59 14.15 -8.31 -7.83
C TYR B 59 13.49 -7.96 -6.51
N PHE B 60 13.93 -8.61 -5.43
CA PHE B 60 13.35 -8.38 -4.11
C PHE B 60 13.48 -6.92 -3.68
N SER B 61 14.62 -6.31 -4.00
CA SER B 61 14.84 -4.90 -3.67
C SER B 61 13.80 -4.02 -4.35
N ALA B 62 13.49 -4.34 -5.61
CA ALA B 62 12.51 -3.57 -6.36
C ALA B 62 11.10 -3.90 -5.89
N LEU B 63 10.87 -5.16 -5.58
CA LEU B 63 9.56 -5.64 -5.14
C LEU B 63 9.01 -4.85 -3.96
N TYR B 64 9.83 -4.70 -2.92
CA TYR B 64 9.38 -4.06 -1.68
C TYR B 64 9.21 -2.56 -1.78
N GLY B 65 9.70 -1.96 -2.87
CA GLY B 65 9.67 -0.51 -3.00
C GLY B 65 10.36 0.17 -1.84
N PRO B 66 9.95 1.37 -1.50
CA PRO B 66 10.53 2.14 -0.39
C PRO B 66 10.57 1.44 0.98
N SER B 67 9.63 0.57 1.24
CA SER B 67 9.62 -0.26 2.43
C SER B 67 10.79 -1.25 2.50
N ARG B 68 11.61 -1.30 1.47
CA ARG B 68 12.86 -2.01 1.49
C ARG B 68 13.74 -1.58 2.65
N HIS B 69 13.59 -0.34 3.07
CA HIS B 69 14.39 0.23 4.15
C HIS B 69 13.74 0.01 5.50
N ALA B 70 12.72 -0.85 5.54
CA ALA B 70 11.93 -1.06 6.74
C ALA B 70 12.72 -1.67 7.90
N ILE B 71 12.26 -1.40 9.12
CA ILE B 71 12.77 -2.06 10.31
C ILE B 71 11.76 -3.12 10.71
N VAL B 72 12.22 -4.37 10.83
CA VAL B 72 11.33 -5.45 11.24
C VAL B 72 11.40 -5.67 12.74
N VAL B 73 10.23 -5.61 13.39
CA VAL B 73 10.15 -5.82 14.83
C VAL B 73 9.16 -6.95 15.15
N PRO B 74 9.44 -7.71 16.20
CA PRO B 74 8.56 -8.80 16.65
C PRO B 74 7.17 -8.30 16.99
N ASP B 75 7.10 -7.15 17.65
CA ASP B 75 5.82 -6.58 18.08
C ASP B 75 5.82 -5.06 17.92
N LEU B 76 4.91 -4.56 17.09
CA LEU B 76 4.83 -3.14 16.80
C LEU B 76 4.51 -2.28 18.03
N SER B 77 3.94 -2.89 19.06
CA SER B 77 3.58 -2.18 20.28
CA SER B 77 3.58 -2.16 20.27
C SER B 77 4.82 -1.64 21.00
N GLN B 78 5.98 -2.10 20.59
CA GLN B 78 7.25 -1.66 21.19
C GLN B 78 7.64 -0.29 20.67
N VAL B 79 7.20 0.03 19.47
CA VAL B 79 7.70 1.20 18.75
C VAL B 79 6.93 2.48 19.06
N THR B 80 5.62 2.36 19.22
CA THR B 80 4.75 3.51 19.44
C THR B 80 5.35 4.56 20.37
N GLU B 81 5.90 4.10 21.50
CA GLU B 81 6.41 4.99 22.53
C GLU B 81 7.58 5.85 22.05
N HIS B 82 8.32 5.37 21.04
CA HIS B 82 9.49 6.07 20.55
C HIS B 82 9.16 7.05 19.41
N LEU B 83 7.92 6.99 18.92
CA LEU B 83 7.56 7.76 17.73
C LEU B 83 7.40 9.26 17.98
N GLU B 84 6.72 9.63 19.06
CA GLU B 84 6.50 11.03 19.37
C GLU B 84 7.82 11.73 19.68
N GLY B 85 8.13 12.76 18.91
CA GLY B 85 9.35 13.54 19.10
C GLY B 85 10.52 13.01 18.29
N LEU B 86 10.28 11.94 17.54
CA LEU B 86 11.33 11.32 16.73
C LEU B 86 11.62 12.12 15.46
N THR B 87 12.79 12.75 15.43
CA THR B 87 13.19 13.55 14.26
C THR B 87 14.47 13.04 13.62
N ASP B 88 15.23 12.25 14.37
CA ASP B 88 16.49 11.72 13.88
C ASP B 88 16.26 10.47 13.04
N CYS B 89 15.64 10.65 11.87
CA CYS B 89 15.28 9.54 11.00
C CYS B 89 14.91 10.06 9.62
N PRO B 90 14.87 9.17 8.62
CA PRO B 90 14.43 9.58 7.29
C PRO B 90 12.99 10.08 7.32
N GLU B 91 12.61 10.93 6.38
CA GLU B 91 11.28 11.51 6.34
C GLU B 91 10.20 10.43 6.24
N ASP B 92 10.59 9.24 5.79
CA ASP B 92 9.69 8.09 5.78
C ASP B 92 10.35 6.92 6.47
N LEU B 93 9.72 6.44 7.54
CA LEU B 93 10.26 5.33 8.32
C LEU B 93 9.29 4.16 8.30
N TYR B 94 9.70 3.05 7.70
CA TYR B 94 8.83 1.89 7.59
C TYR B 94 9.04 0.91 8.74
N LEU B 95 7.94 0.40 9.27
CA LEU B 95 7.97 -0.53 10.39
C LEU B 95 7.11 -1.75 10.09
N ILE B 96 7.74 -2.90 9.98
CA ILE B 96 7.03 -4.14 9.67
C ILE B 96 7.12 -5.13 10.82
N GLU B 97 5.97 -5.70 11.19
CA GLU B 97 5.93 -6.69 12.26
C GLU B 97 6.23 -8.08 11.70
N GLY B 98 7.15 -8.79 12.34
CA GLY B 98 7.53 -10.13 11.91
C GLY B 98 8.71 -10.69 12.68
N ASP B 99 8.99 -11.97 12.45
CA ASP B 99 10.10 -12.66 13.11
C ASP B 99 11.37 -12.55 12.25
N PRO B 100 12.35 -11.77 12.72
CA PRO B 100 13.61 -11.53 12.01
C PRO B 100 14.36 -12.81 11.66
N GLN B 101 14.18 -13.87 12.46
CA GLN B 101 14.86 -15.13 12.22
C GLN B 101 14.03 -16.10 11.37
N SER B 102 12.75 -15.79 11.22
CA SER B 102 11.86 -16.60 10.41
C SER B 102 10.79 -15.69 9.80
N PHE B 103 11.22 -14.89 8.83
CA PHE B 103 10.37 -13.85 8.25
C PHE B 103 9.69 -14.32 6.98
N ASP B 104 8.37 -14.26 6.97
CA ASP B 104 7.59 -14.63 5.79
C ASP B 104 7.53 -13.48 4.78
N ASP B 105 7.92 -13.77 3.55
CA ASP B 105 7.93 -12.77 2.49
C ASP B 105 6.56 -12.10 2.37
N SER B 106 6.55 -10.78 2.26
CA SER B 106 5.31 -10.03 2.13
CA SER B 106 5.31 -10.03 2.13
C SER B 106 4.61 -10.38 0.81
N VAL B 107 3.28 -10.31 0.83
CA VAL B 107 2.50 -10.63 -0.36
C VAL B 107 2.33 -9.40 -1.25
N PHE B 108 2.55 -9.58 -2.54
CA PHE B 108 2.43 -8.49 -3.50
C PHE B 108 1.65 -8.90 -4.75
N SER B 109 0.78 -8.02 -5.22
CA SER B 109 0.16 -8.20 -6.52
C SER B 109 1.07 -7.58 -7.57
N VAL B 110 1.82 -8.41 -8.28
CA VAL B 110 2.90 -7.93 -9.12
C VAL B 110 2.91 -8.53 -10.53
N ASP B 111 3.17 -7.67 -11.52
CA ASP B 111 3.43 -8.10 -12.88
C ASP B 111 4.91 -7.90 -13.17
N GLU B 112 5.65 -9.00 -13.31
CA GLU B 112 7.09 -8.92 -13.49
C GLU B 112 7.52 -8.63 -14.92
N LEU B 113 8.30 -7.57 -15.09
CA LEU B 113 8.89 -7.25 -16.38
C LEU B 113 10.40 -7.41 -16.28
N GLU B 114 11.10 -7.08 -17.36
CA GLU B 114 12.56 -7.11 -17.33
C GLU B 114 13.15 -5.81 -17.89
N LYS B 115 13.96 -5.15 -17.07
CA LYS B 115 14.25 -5.64 -15.74
C LYS B 115 13.63 -4.74 -14.67
N ALA B 116 12.33 -4.92 -14.45
CA ALA B 116 11.59 -4.09 -13.50
C ALA B 116 10.41 -4.86 -12.93
N VAL B 117 9.61 -4.15 -12.13
CA VAL B 117 8.45 -4.75 -11.49
C VAL B 117 7.32 -3.74 -11.36
N VAL B 118 6.11 -4.15 -11.75
CA VAL B 118 4.95 -3.31 -11.60
C VAL B 118 4.05 -3.86 -10.49
N VAL B 119 4.01 -3.15 -9.37
CA VAL B 119 3.23 -3.57 -8.21
C VAL B 119 1.93 -2.77 -8.12
N LYS B 120 0.81 -3.47 -7.95
CA LYS B 120 -0.47 -2.82 -7.75
C LYS B 120 -0.66 -2.48 -6.28
N ILE B 121 -0.42 -1.23 -5.92
CA ILE B 121 -0.56 -0.78 -4.54
C ILE B 121 -2.03 -0.77 -4.13
N ALA B 122 -2.87 -0.29 -5.03
CA ALA B 122 -4.31 -0.25 -4.81
C ALA B 122 -5.02 -0.31 -6.16
N ASP B 123 -6.35 -0.24 -6.12
CA ASP B 123 -7.15 -0.37 -7.34
C ASP B 123 -6.86 0.76 -8.34
N ARG B 124 -6.41 1.90 -7.84
CA ARG B 124 -6.15 3.06 -8.70
C ARG B 124 -4.68 3.48 -8.65
N GLN B 125 -3.84 2.66 -8.04
CA GLN B 125 -2.44 3.03 -7.83
C GLN B 125 -1.45 1.90 -8.13
N TRP B 126 -0.47 2.21 -8.97
CA TRP B 126 0.59 1.26 -9.30
C TRP B 126 1.94 1.81 -8.89
N ARG B 127 2.92 0.93 -8.75
CA ARG B 127 4.30 1.34 -8.51
C ARG B 127 5.24 0.62 -9.46
N TYR B 128 5.95 1.40 -10.27
CA TYR B 128 6.93 0.83 -11.19
C TYR B 128 8.31 0.92 -10.54
N SER B 129 8.89 -0.23 -10.24
CA SER B 129 10.20 -0.28 -9.60
C SER B 129 11.20 -1.06 -10.45
N ARG B 130 12.09 -0.34 -11.11
CA ARG B 130 13.12 -0.98 -11.93
C ARG B 130 14.19 -1.62 -11.06
N PHE B 131 14.76 -2.72 -11.54
CA PHE B 131 15.83 -3.40 -10.81
C PHE B 131 17.01 -2.43 -10.62
N PRO B 132 17.45 -2.27 -9.36
CA PRO B 132 18.59 -1.39 -9.06
C PRO B 132 19.89 -1.99 -9.55
N GLU B 133 20.81 -1.14 -10.03
CA GLU B 133 22.11 -1.60 -10.47
C GLU B 133 22.92 -2.10 -9.27
N VAL B 134 22.65 -1.51 -8.12
CA VAL B 134 23.23 -1.97 -6.86
C VAL B 134 22.12 -2.10 -5.81
N PRO B 135 21.56 -3.32 -5.70
CA PRO B 135 20.42 -3.57 -4.81
C PRO B 135 20.78 -3.42 -3.34
N LEU B 136 19.79 -3.03 -2.53
CA LEU B 136 19.98 -2.90 -1.09
C LEU B 136 20.05 -4.29 -0.46
N PHE B 137 19.22 -5.19 -0.96
CA PHE B 137 19.18 -6.56 -0.44
C PHE B 137 20.38 -7.38 -0.92
N GLY B 138 20.58 -8.54 -0.31
CA GLY B 138 21.63 -9.46 -0.72
C GLY B 138 23.04 -8.93 -0.57
N ARG B 139 23.28 -8.14 0.46
CA ARG B 139 24.60 -7.54 0.67
C ARG B 139 25.62 -8.57 1.16
N ALA B 140 25.18 -9.48 2.02
CA ALA B 140 26.05 -10.53 2.53
C ALA B 140 26.60 -11.39 1.40
N ALA B 141 25.72 -11.84 0.52
CA ALA B 141 26.10 -12.67 -0.61
C ALA B 141 26.93 -11.87 -1.61
N ARG B 142 26.60 -10.59 -1.75
CA ARG B 142 27.33 -9.72 -2.68
C ARG B 142 28.77 -9.54 -2.22
N GLU B 143 28.95 -9.27 -0.93
CA GLU B 143 30.28 -9.11 -0.36
C GLU B 143 31.09 -10.40 -0.43
N SER B 144 30.41 -11.52 -0.23
CA SER B 144 31.03 -12.83 -0.32
C SER B 144 31.57 -13.08 -1.72
N ARG B 145 30.79 -12.65 -2.72
CA ARG B 145 31.19 -12.79 -4.11
C ARG B 145 32.38 -11.89 -4.42
N ILE B 146 32.32 -10.65 -3.97
CA ILE B 146 33.40 -9.70 -4.17
C ILE B 146 34.71 -10.25 -3.61
N GLU B 147 34.63 -10.87 -2.44
CA GLU B 147 35.81 -11.41 -1.77
C GLU B 147 36.43 -12.55 -2.58
N SER B 148 35.60 -13.45 -3.09
CA SER B 148 36.08 -14.57 -3.89
C SER B 148 36.68 -14.08 -5.20
N LEU B 149 36.10 -13.03 -5.75
CA LEU B 149 36.61 -12.43 -6.99
C LEU B 149 38.02 -11.89 -6.79
N HIS B 150 38.25 -11.24 -5.66
CA HIS B 150 39.57 -10.73 -5.33
C HIS B 150 40.58 -11.87 -5.22
N ALA B 151 40.13 -12.98 -4.63
CA ALA B 151 40.97 -14.16 -4.49
C ALA B 151 41.33 -14.73 -5.86
N GLU B 152 40.37 -14.69 -6.78
CA GLU B 152 40.58 -15.20 -8.13
C GLU B 152 41.50 -14.28 -8.92
N ARG B 153 41.37 -12.97 -8.70
CA ARG B 153 42.19 -12.01 -9.42
C ARG B 153 43.68 -12.20 -9.15
N GLU B 154 44.02 -12.46 -7.88
CA GLU B 154 45.41 -12.69 -7.52
C GLU B 154 45.97 -13.96 -8.15
N VAL B 155 45.11 -14.97 -8.31
CA VAL B 155 45.50 -16.20 -8.97
C VAL B 155 45.77 -15.93 -10.45
N LEU B 156 44.88 -15.16 -11.07
CA LEU B 156 45.02 -14.81 -12.49
C LEU B 156 46.23 -13.90 -12.71
N SER B 157 46.45 -12.96 -11.78
CA SER B 157 47.57 -12.03 -11.89
C SER B 157 48.90 -12.76 -11.77
N GLU B 158 48.96 -13.72 -10.86
CA GLU B 158 50.15 -14.55 -10.68
C GLU B 158 50.42 -15.34 -11.95
N ARG B 159 49.39 -15.98 -12.49
CA ARG B 159 49.51 -16.80 -13.68
C ARG B 159 49.80 -15.96 -14.92
N PHE B 160 49.17 -14.79 -15.00
CA PHE B 160 49.35 -13.91 -16.15
C PHE B 160 50.78 -13.39 -16.24
N ALA B 161 51.38 -13.14 -15.08
CA ALA B 161 52.75 -12.66 -15.03
C ALA B 161 53.73 -13.76 -15.44
N THR B 162 53.38 -15.00 -15.10
CA THR B 162 54.19 -16.15 -15.45
C THR B 162 53.92 -16.60 -16.88
N LEU B 163 52.69 -16.32 -17.35
CA LEU B 163 52.23 -16.73 -18.68
C LEU B 163 51.59 -18.11 -18.66
N GLU C 4 18.09 54.17 18.42
CA GLU C 4 17.02 55.05 18.00
C GLU C 4 15.85 54.26 17.39
N ARG C 5 16.12 53.58 16.28
CA ARG C 5 15.09 52.79 15.61
C ARG C 5 15.70 51.55 14.96
N ASP C 6 15.84 50.48 15.73
CA ASP C 6 16.36 49.22 15.21
C ASP C 6 15.22 48.26 14.92
N GLU C 7 14.00 48.77 14.93
CA GLU C 7 12.81 47.97 14.65
C GLU C 7 12.79 47.53 13.19
N VAL C 8 13.15 48.45 12.30
CA VAL C 8 13.20 48.14 10.87
C VAL C 8 14.37 47.21 10.57
N GLY C 9 15.53 47.51 11.16
CA GLY C 9 16.71 46.68 10.99
C GLY C 9 16.48 45.26 11.48
N ALA C 10 15.66 45.13 12.52
CA ALA C 10 15.34 43.81 13.07
C ALA C 10 14.29 43.11 12.21
N ARG C 11 13.38 43.90 11.63
CA ARG C 11 12.34 43.35 10.77
C ARG C 11 12.93 42.89 9.43
N LYS C 12 13.88 43.67 8.91
CA LYS C 12 14.58 43.28 7.68
C LYS C 12 15.22 41.92 7.86
N ASN C 13 15.96 41.76 8.95
CA ASN C 13 16.62 40.49 9.26
C ASN C 13 15.62 39.34 9.34
N ALA C 14 14.41 39.64 9.85
CA ALA C 14 13.37 38.64 9.98
C ALA C 14 12.85 38.20 8.61
N VAL C 15 12.77 39.15 7.69
CA VAL C 15 12.33 38.86 6.33
C VAL C 15 13.39 38.07 5.57
N ASP C 16 14.65 38.48 5.74
CA ASP C 16 15.77 37.76 5.15
C ASP C 16 15.86 36.35 5.70
N GLU C 17 15.44 36.19 6.96
CA GLU C 17 15.43 34.90 7.62
C GLU C 17 14.47 33.93 6.92
N GLU C 18 13.20 34.32 6.82
CA GLU C 18 12.18 33.46 6.24
C GLU C 18 12.42 33.20 4.76
N ILE C 19 12.82 34.25 4.03
CA ILE C 19 13.10 34.11 2.61
C ILE C 19 14.10 33.00 2.34
N GLU C 20 15.16 32.98 3.14
CA GLU C 20 16.19 31.96 3.01
C GLU C 20 15.64 30.56 3.30
N ARG C 21 14.72 30.50 4.26
CA ARG C 21 14.14 29.22 4.67
C ARG C 21 13.19 28.65 3.62
N LEU C 22 12.41 29.52 2.99
CA LEU C 22 11.43 29.09 2.00
C LEU C 22 12.08 28.69 0.68
N SER C 23 12.93 29.57 0.16
CA SER C 23 13.65 29.29 -1.08
C SER C 23 14.76 28.28 -0.84
N GLN C 24 14.99 27.99 0.44
CA GLN C 24 15.98 26.99 0.85
C GLN C 24 15.87 25.71 0.05
N PRO C 25 17.03 25.15 -0.36
CA PRO C 25 17.07 23.88 -1.09
C PRO C 25 16.61 22.70 -0.24
N GLY C 26 15.88 21.76 -0.82
CA GLY C 26 15.51 21.82 -2.24
C GLY C 26 14.30 20.94 -2.56
N ASP C 30 11.71 17.08 -8.85
CA ASP C 30 12.60 16.45 -9.82
C ASP C 30 12.15 16.70 -11.26
N GLN C 31 13.09 16.93 -12.15
CA GLN C 31 12.80 17.22 -13.56
C GLN C 31 12.30 15.99 -14.32
N ARG C 32 12.95 14.85 -14.08
CA ARG C 32 12.58 13.62 -14.77
C ARG C 32 11.08 13.32 -14.61
N LEU C 33 10.56 13.50 -13.41
CA LEU C 33 9.15 13.25 -13.15
C LEU C 33 8.26 14.17 -13.97
N ASN C 34 8.71 15.41 -14.17
CA ASN C 34 7.97 16.36 -14.99
C ASN C 34 7.87 15.87 -16.44
N ALA C 35 9.02 15.52 -17.01
CA ALA C 35 9.07 15.02 -18.37
C ALA C 35 8.21 13.77 -18.52
N LEU C 36 8.29 12.87 -17.54
CA LEU C 36 7.50 11.65 -17.55
C LEU C 36 6.00 11.96 -17.46
N ALA C 37 5.66 13.00 -16.71
CA ALA C 37 4.28 13.38 -16.51
C ALA C 37 3.59 13.76 -17.82
N GLU C 38 4.17 14.71 -18.55
CA GLU C 38 3.59 15.14 -19.81
C GLU C 38 3.63 14.01 -20.83
N ARG C 39 4.69 13.21 -20.75
CA ARG C 39 4.84 12.08 -21.67
C ARG C 39 3.80 10.99 -21.37
N PHE C 40 3.31 10.98 -20.14
CA PHE C 40 2.26 10.04 -19.75
C PHE C 40 0.89 10.70 -19.86
N GLY C 41 0.88 11.96 -20.26
CA GLY C 41 -0.36 12.72 -20.34
C GLY C 41 -0.97 12.91 -18.96
N GLY C 42 -0.12 12.97 -17.95
CA GLY C 42 -0.58 13.13 -16.58
C GLY C 42 -0.05 14.38 -15.91
N VAL C 43 -0.32 14.50 -14.61
CA VAL C 43 0.11 15.67 -13.84
C VAL C 43 0.66 15.24 -12.48
N LEU C 44 1.77 15.85 -12.08
CA LEU C 44 2.40 15.57 -10.80
C LEU C 44 1.43 15.82 -9.65
N LEU C 45 1.42 14.90 -8.69
CA LEU C 45 0.61 15.06 -7.49
C LEU C 45 1.04 16.32 -6.74
N SER C 46 2.33 16.59 -6.75
CA SER C 46 2.88 17.77 -6.11
CA SER C 46 2.87 17.77 -6.10
C SER C 46 2.27 19.05 -6.67
N GLU C 47 1.99 19.03 -7.97
CA GLU C 47 1.38 20.19 -8.64
C GLU C 47 -0.08 20.33 -8.24
N ILE C 48 -0.78 19.20 -8.15
CA ILE C 48 -2.16 19.18 -7.69
C ILE C 48 -2.23 19.73 -6.26
N TYR C 49 -1.15 19.55 -5.51
CA TYR C 49 -1.09 19.98 -4.12
C TYR C 49 -0.20 21.21 -3.92
N ASP C 50 0.01 21.98 -4.98
CA ASP C 50 0.90 23.14 -4.91
C ASP C 50 0.24 24.33 -4.24
N ASP C 51 -1.08 24.24 -4.04
CA ASP C 51 -1.86 25.36 -3.52
C ASP C 51 -2.07 25.32 -2.01
N VAL C 52 -1.72 24.20 -1.39
CA VAL C 52 -1.90 24.03 0.05
CA VAL C 52 -1.91 24.06 0.05
C VAL C 52 -1.06 25.05 0.83
N SER C 53 -1.61 25.54 1.94
CA SER C 53 -0.96 26.57 2.75
C SER C 53 0.38 26.12 3.34
N LEU C 54 1.13 27.09 3.85
CA LEU C 54 2.41 26.83 4.50
C LEU C 54 2.22 25.97 5.74
N GLU C 55 1.05 26.06 6.35
CA GLU C 55 0.76 25.31 7.57
C GLU C 55 0.46 23.84 7.27
N ASP C 56 -0.27 23.59 6.19
CA ASP C 56 -0.72 22.24 5.87
C ASP C 56 0.23 21.47 4.95
N ALA C 57 1.08 22.21 4.24
CA ALA C 57 2.00 21.58 3.30
C ALA C 57 2.82 20.45 3.92
N PRO C 58 3.47 20.71 5.07
CA PRO C 58 4.26 19.66 5.71
C PRO C 58 3.41 18.43 6.03
N TYR C 59 2.20 18.66 6.53
CA TYR C 59 1.30 17.57 6.89
C TYR C 59 0.96 16.69 5.69
N PHE C 60 0.46 17.31 4.62
CA PHE C 60 0.07 16.57 3.42
C PHE C 60 1.25 15.86 2.78
N SER C 61 2.40 16.52 2.76
CA SER C 61 3.60 15.94 2.19
C SER C 61 3.97 14.68 2.95
N ALA C 62 3.88 14.74 4.28
CA ALA C 62 4.18 13.61 5.13
C ALA C 62 3.13 12.52 4.95
N LEU C 63 1.87 12.92 4.94
CA LEU C 63 0.75 12.00 4.81
C LEU C 63 0.92 11.00 3.67
N TYR C 64 1.25 11.51 2.49
CA TYR C 64 1.28 10.69 1.29
C TYR C 64 2.48 9.74 1.22
N GLY C 65 3.45 9.93 2.10
CA GLY C 65 4.65 9.12 2.08
C GLY C 65 5.38 9.29 0.76
N PRO C 66 6.15 8.27 0.36
CA PRO C 66 6.92 8.31 -0.89
C PRO C 66 6.03 8.55 -2.10
N SER C 67 4.75 8.17 -2.02
CA SER C 67 3.85 8.35 -3.14
C SER C 67 3.58 9.84 -3.41
N ARG C 68 4.21 10.71 -2.62
CA ARG C 68 4.10 12.15 -2.82
C ARG C 68 4.65 12.54 -4.18
N HIS C 69 5.58 11.73 -4.69
CA HIS C 69 6.21 11.99 -5.99
C HIS C 69 5.39 11.40 -7.13
N ALA C 70 4.17 10.96 -6.83
CA ALA C 70 3.35 10.24 -7.80
C ALA C 70 2.98 11.06 -9.03
N ILE C 71 2.71 10.35 -10.12
CA ILE C 71 2.17 10.96 -11.32
C ILE C 71 0.70 10.58 -11.44
N VAL C 72 -0.16 11.58 -11.59
CA VAL C 72 -1.60 11.31 -11.70
C VAL C 72 -2.05 11.37 -13.15
N VAL C 73 -2.64 10.27 -13.62
CA VAL C 73 -3.19 10.21 -14.97
C VAL C 73 -4.66 9.83 -14.91
N PRO C 74 -5.47 10.40 -15.82
CA PRO C 74 -6.90 10.07 -15.84
C PRO C 74 -7.13 8.62 -16.27
N ASP C 75 -6.15 8.05 -16.96
CA ASP C 75 -6.26 6.68 -17.47
C ASP C 75 -4.91 5.97 -17.44
N LEU C 76 -4.79 4.98 -16.55
CA LEU C 76 -3.52 4.26 -16.36
C LEU C 76 -3.02 3.57 -17.63
N SER C 77 -3.93 3.22 -18.54
CA SER C 77 -3.56 2.55 -19.78
CA SER C 77 -3.54 2.54 -19.76
C SER C 77 -2.67 3.42 -20.65
N GLN C 78 -2.61 4.71 -20.32
CA GLN C 78 -1.76 5.65 -21.05
C GLN C 78 -0.29 5.40 -20.74
N VAL C 79 -0.04 4.79 -19.58
CA VAL C 79 1.32 4.60 -19.08
C VAL C 79 1.93 3.27 -19.51
N THR C 80 1.11 2.23 -19.56
CA THR C 80 1.56 0.86 -19.83
C THR C 80 2.66 0.76 -20.90
N GLU C 81 2.35 1.22 -22.11
CA GLU C 81 3.26 1.08 -23.25
C GLU C 81 4.66 1.63 -22.99
N HIS C 82 4.79 2.53 -22.01
CA HIS C 82 6.05 3.21 -21.75
C HIS C 82 6.91 2.50 -20.71
N LEU C 83 6.28 1.67 -19.88
CA LEU C 83 6.99 1.05 -18.76
C LEU C 83 8.10 0.09 -19.18
N GLU C 84 7.84 -0.70 -20.22
CA GLU C 84 8.84 -1.66 -20.69
C GLU C 84 10.09 -0.97 -21.22
N GLY C 85 11.21 -1.23 -20.54
CA GLY C 85 12.48 -0.65 -20.94
C GLY C 85 12.75 0.70 -20.30
N LEU C 86 11.79 1.19 -19.54
CA LEU C 86 11.92 2.49 -18.88
C LEU C 86 13.00 2.46 -17.80
N THR C 87 14.07 3.20 -18.03
CA THR C 87 15.18 3.25 -17.08
C THR C 87 15.47 4.67 -16.59
N ASP C 88 15.11 5.65 -17.42
CA ASP C 88 15.33 7.05 -17.07
C ASP C 88 14.27 7.53 -16.09
N CYS C 89 14.36 7.05 -14.85
CA CYS C 89 13.38 7.38 -13.82
C CYS C 89 13.91 6.95 -12.46
N PRO C 90 13.30 7.45 -11.38
CA PRO C 90 13.68 7.00 -10.04
C PRO C 90 13.41 5.51 -9.86
N GLU C 91 14.10 4.88 -8.91
CA GLU C 91 13.95 3.44 -8.68
C GLU C 91 12.52 3.07 -8.30
N ASP C 92 11.79 4.04 -7.75
CA ASP C 92 10.38 3.85 -7.42
C ASP C 92 9.54 4.92 -8.10
N LEU C 93 8.62 4.48 -8.97
CA LEU C 93 7.77 5.40 -9.70
C LEU C 93 6.30 5.15 -9.39
N TYR C 94 5.65 6.14 -8.79
CA TYR C 94 4.24 6.00 -8.40
C TYR C 94 3.28 6.53 -9.46
N LEU C 95 2.22 5.77 -9.70
CA LEU C 95 1.23 6.13 -10.71
C LEU C 95 -0.17 6.01 -10.13
N ILE C 96 -0.88 7.13 -10.04
CA ILE C 96 -2.24 7.14 -9.52
C ILE C 96 -3.24 7.56 -10.59
N GLU C 97 -4.29 6.76 -10.74
CA GLU C 97 -5.36 7.11 -11.67
C GLU C 97 -6.33 8.08 -11.01
N GLY C 98 -6.56 9.22 -11.65
CA GLY C 98 -7.46 10.23 -11.13
C GLY C 98 -7.53 11.45 -12.01
N ASP C 99 -8.40 12.39 -11.66
CA ASP C 99 -8.57 13.62 -12.41
C ASP C 99 -7.69 14.73 -11.82
N PRO C 100 -6.68 15.18 -12.59
CA PRO C 100 -5.76 16.23 -12.16
C PRO C 100 -6.46 17.56 -11.90
N GLN C 101 -7.70 17.69 -12.36
CA GLN C 101 -8.47 18.92 -12.16
C GLN C 101 -9.37 18.81 -10.94
N SER C 102 -9.73 17.58 -10.60
CA SER C 102 -10.61 17.31 -9.47
CA SER C 102 -10.61 17.32 -9.47
C SER C 102 -10.22 15.99 -8.82
N PHE C 103 -9.06 15.99 -8.15
CA PHE C 103 -8.45 14.78 -7.61
C PHE C 103 -9.04 14.28 -6.29
N ASP C 104 -9.43 13.01 -6.27
CA ASP C 104 -9.86 12.35 -5.05
C ASP C 104 -8.66 11.85 -4.27
N ASP C 105 -8.53 12.28 -3.02
CA ASP C 105 -7.41 11.89 -2.18
C ASP C 105 -7.41 10.38 -1.89
N SER C 106 -6.24 9.86 -1.55
CA SER C 106 -6.12 8.45 -1.18
C SER C 106 -6.64 8.29 0.25
N VAL C 107 -7.14 7.10 0.57
CA VAL C 107 -7.62 6.82 1.92
C VAL C 107 -6.43 6.50 2.83
N PHE C 108 -6.40 7.14 4.00
CA PHE C 108 -5.31 6.93 4.95
C PHE C 108 -5.82 6.69 6.37
N SER C 109 -5.42 5.55 6.94
CA SER C 109 -5.65 5.30 8.34
C SER C 109 -4.49 5.93 9.11
N VAL C 110 -4.73 7.12 9.65
CA VAL C 110 -3.65 7.93 10.21
C VAL C 110 -3.87 8.34 11.65
N ASP C 111 -2.78 8.33 12.41
CA ASP C 111 -2.77 8.85 13.77
C ASP C 111 -1.81 10.03 13.83
N GLU C 112 -2.36 11.23 13.80
CA GLU C 112 -1.54 12.44 13.71
C GLU C 112 -0.89 12.82 15.04
N LEU C 113 0.43 12.82 15.06
CA LEU C 113 1.18 13.30 16.22
C LEU C 113 1.52 14.76 16.01
N GLU C 114 2.39 15.30 16.85
CA GLU C 114 2.87 16.66 16.66
C GLU C 114 4.08 16.63 15.73
N LYS C 115 3.97 17.33 14.60
CA LYS C 115 5.03 17.37 13.60
C LYS C 115 5.35 16.00 13.01
N ALA C 116 4.34 15.15 12.92
CA ALA C 116 4.50 13.83 12.32
C ALA C 116 3.17 13.08 12.19
N VAL C 117 3.14 12.08 11.33
CA VAL C 117 1.97 11.21 11.20
C VAL C 117 2.37 9.75 11.23
N VAL C 118 1.46 8.91 11.72
CA VAL C 118 1.68 7.48 11.73
C VAL C 118 0.60 6.82 10.88
N VAL C 119 0.98 6.36 9.69
CA VAL C 119 0.04 5.73 8.78
C VAL C 119 0.07 4.21 8.90
N LYS C 120 -1.10 3.62 9.04
CA LYS C 120 -1.22 2.16 9.08
C LYS C 120 -1.46 1.65 7.67
N ILE C 121 -0.41 1.10 7.05
CA ILE C 121 -0.49 0.58 5.70
C ILE C 121 -1.17 -0.77 5.69
N ALA C 122 -0.95 -1.53 6.76
CA ALA C 122 -1.58 -2.83 6.95
C ALA C 122 -1.44 -3.23 8.42
N ASP C 123 -2.10 -4.30 8.82
CA ASP C 123 -2.06 -4.74 10.21
C ASP C 123 -0.63 -5.04 10.67
N ARG C 124 0.25 -5.32 9.72
CA ARG C 124 1.62 -5.69 10.04
C ARG C 124 2.64 -4.65 9.57
N GLN C 125 2.15 -3.50 9.11
CA GLN C 125 3.05 -2.46 8.60
C GLN C 125 2.62 -1.05 8.94
N TRP C 126 3.53 -0.28 9.52
CA TRP C 126 3.29 1.13 9.82
C TRP C 126 4.28 2.00 9.05
N ARG C 127 3.90 3.26 8.85
CA ARG C 127 4.80 4.23 8.25
C ARG C 127 4.84 5.48 9.12
N TYR C 128 6.02 5.80 9.62
CA TYR C 128 6.20 7.04 10.39
C TYR C 128 6.79 8.12 9.50
N SER C 129 5.99 9.15 9.23
CA SER C 129 6.44 10.25 8.38
C SER C 129 6.39 11.57 9.12
N ARG C 130 7.55 12.07 9.52
CA ARG C 130 7.64 13.33 10.23
C ARG C 130 7.46 14.50 9.26
N PHE C 131 6.96 15.62 9.78
CA PHE C 131 6.79 16.82 8.96
C PHE C 131 8.15 17.32 8.50
N PRO C 132 8.36 17.42 7.19
CA PRO C 132 9.65 17.82 6.64
C PRO C 132 9.79 19.34 6.54
N GLU C 133 11.00 19.84 6.76
CA GLU C 133 11.32 21.19 6.33
C GLU C 133 11.43 21.15 4.82
N VAL C 134 10.97 22.20 4.14
CA VAL C 134 10.90 22.19 2.70
C VAL C 134 10.02 21.05 2.22
N PRO C 135 8.72 21.10 2.55
CA PRO C 135 7.78 20.08 2.08
C PRO C 135 7.66 20.09 0.57
N LEU C 136 7.38 18.93 -0.02
CA LEU C 136 7.23 18.84 -1.47
C LEU C 136 6.01 19.63 -1.95
N PHE C 137 4.90 19.46 -1.25
CA PHE C 137 3.65 20.13 -1.60
C PHE C 137 3.68 21.61 -1.21
N GLY C 138 2.76 22.38 -1.77
CA GLY C 138 2.60 23.78 -1.42
C GLY C 138 3.66 24.70 -2.00
N ARG C 139 4.23 24.31 -3.14
CA ARG C 139 5.28 25.11 -3.78
C ARG C 139 4.77 26.46 -4.24
N ALA C 140 3.58 26.49 -4.85
CA ALA C 140 2.99 27.72 -5.36
C ALA C 140 2.79 28.74 -4.24
N ALA C 141 2.21 28.28 -3.13
CA ALA C 141 1.97 29.16 -1.99
C ALA C 141 3.28 29.60 -1.35
N ARG C 142 4.30 28.75 -1.46
CA ARG C 142 5.60 29.04 -0.89
C ARG C 142 6.31 30.14 -1.68
N GLU C 143 6.24 30.04 -3.00
CA GLU C 143 6.86 31.03 -3.88
C GLU C 143 6.15 32.37 -3.78
N SER C 144 4.83 32.33 -3.59
CA SER C 144 4.06 33.56 -3.40
C SER C 144 4.52 34.28 -2.14
N ARG C 145 4.62 33.54 -1.05
CA ARG C 145 5.07 34.09 0.21
C ARG C 145 6.42 34.76 0.08
N ILE C 146 7.29 34.18 -0.75
CA ILE C 146 8.61 34.73 -0.99
C ILE C 146 8.54 36.05 -1.75
N GLU C 147 7.55 36.17 -2.63
CA GLU C 147 7.34 37.42 -3.36
C GLU C 147 6.91 38.53 -2.40
N SER C 148 5.96 38.21 -1.53
CA SER C 148 5.48 39.15 -0.53
C SER C 148 6.63 39.63 0.34
N LEU C 149 7.50 38.70 0.73
CA LEU C 149 8.65 39.02 1.57
C LEU C 149 9.61 39.97 0.85
N HIS C 150 9.88 39.68 -0.43
CA HIS C 150 10.73 40.55 -1.24
C HIS C 150 10.15 41.95 -1.34
N ALA C 151 8.88 42.03 -1.72
CA ALA C 151 8.18 43.30 -1.83
C ALA C 151 8.15 44.03 -0.50
N GLU C 152 8.20 43.28 0.59
CA GLU C 152 8.18 43.85 1.93
C GLU C 152 9.59 44.29 2.34
N ARG C 153 10.59 43.54 1.89
CA ARG C 153 11.99 43.83 2.23
C ARG C 153 12.44 45.14 1.62
N GLU C 154 12.04 45.37 0.37
CA GLU C 154 12.40 46.61 -0.33
C GLU C 154 11.74 47.81 0.33
N VAL C 155 10.48 47.63 0.73
CA VAL C 155 9.74 48.68 1.42
C VAL C 155 10.39 49.00 2.76
N LEU C 156 11.01 47.98 3.36
CA LEU C 156 11.73 48.16 4.62
C LEU C 156 13.06 48.86 4.37
N SER C 157 13.65 48.59 3.22
CA SER C 157 14.96 49.15 2.88
C SER C 157 14.88 50.67 2.71
N GLU C 158 13.80 51.16 2.10
CA GLU C 158 13.59 52.60 1.97
C GLU C 158 13.35 53.22 3.34
N ARG C 159 12.62 52.50 4.18
CA ARG C 159 12.33 52.97 5.53
C ARG C 159 13.57 52.85 6.41
N PHE C 160 14.55 52.06 5.96
CA PHE C 160 15.81 51.93 6.67
C PHE C 160 16.67 53.13 6.35
N GLU D 5 -52.51 31.30 -8.00
CA GLU D 5 -51.69 31.03 -9.18
C GLU D 5 -50.20 31.06 -8.84
N PRO D 6 -49.45 30.08 -9.37
CA PRO D 6 -47.99 30.01 -9.16
C PRO D 6 -47.26 31.12 -9.94
N VAL D 7 -46.35 31.81 -9.26
CA VAL D 7 -45.62 32.91 -9.87
C VAL D 7 -44.12 32.87 -9.58
N THR D 8 -43.34 33.50 -10.46
CA THR D 8 -41.90 33.62 -10.27
C THR D 8 -41.50 35.09 -10.26
N ILE D 9 -41.16 35.61 -9.09
CA ILE D 9 -40.79 37.01 -8.96
C ILE D 9 -39.31 37.21 -9.25
N VAL D 10 -39.02 38.10 -10.19
CA VAL D 10 -37.65 38.31 -10.67
C VAL D 10 -37.08 39.65 -10.23
N LEU D 11 -35.86 39.62 -9.69
CA LEU D 11 -35.18 40.83 -9.26
C LEU D 11 -33.96 41.12 -10.13
N SER D 12 -33.88 42.33 -10.67
CA SER D 12 -32.77 42.71 -11.51
C SER D 12 -31.61 43.22 -10.66
N GLN D 13 -30.47 43.47 -11.32
CA GLN D 13 -29.28 43.91 -10.63
C GLN D 13 -29.41 45.34 -10.12
N MSE D 14 -30.27 46.12 -10.77
CA MSE D 14 -30.47 47.51 -10.40
CA MSE D 14 -30.47 47.51 -10.39
C MSE D 14 -31.70 47.70 -9.50
O MSE D 14 -32.18 48.82 -9.32
CB MSE D 14 -30.57 48.40 -11.64
CB MSE D 14 -30.58 48.40 -11.63
CG MSE D 14 -29.34 48.33 -12.55
CG MSE D 14 -29.29 48.49 -12.44
SE MSE D 14 -29.44 49.52 -14.10
SE MSE D 14 -27.81 49.22 -11.39
CE MSE D 14 -29.55 51.23 -13.17
CE MSE D 14 -28.57 50.96 -10.95
N GLY D 15 -32.19 46.59 -8.95
CA GLY D 15 -33.31 46.64 -8.02
C GLY D 15 -34.68 46.81 -8.66
N TRP D 16 -34.87 46.22 -9.84
CA TRP D 16 -36.19 46.21 -10.47
C TRP D 16 -36.83 44.84 -10.35
N VAL D 17 -38.12 44.82 -10.04
CA VAL D 17 -38.84 43.57 -9.83
C VAL D 17 -40.05 43.42 -10.74
N ARG D 18 -40.42 42.17 -11.00
CA ARG D 18 -41.61 41.85 -11.78
C ARG D 18 -42.10 40.45 -11.43
N SER D 19 -43.38 40.21 -11.65
CA SER D 19 -43.98 38.91 -11.36
C SER D 19 -44.30 38.15 -12.64
N ALA D 20 -43.61 37.03 -12.86
CA ALA D 20 -43.85 36.21 -14.03
C ALA D 20 -44.80 35.07 -13.70
N LYS D 21 -45.71 34.77 -14.63
CA LYS D 21 -46.64 33.67 -14.45
C LYS D 21 -45.93 32.33 -14.60
N GLY D 22 -46.26 31.39 -13.73
CA GLY D 22 -45.68 30.05 -13.79
C GLY D 22 -44.27 29.99 -13.25
N HIS D 23 -43.67 28.80 -13.32
CA HIS D 23 -42.32 28.59 -12.80
C HIS D 23 -41.39 28.08 -13.89
N ASP D 24 -41.83 28.20 -15.14
CA ASP D 24 -41.04 27.73 -16.28
C ASP D 24 -40.28 28.89 -16.92
N ILE D 25 -40.13 29.98 -16.17
CA ILE D 25 -39.54 31.21 -16.70
C ILE D 25 -38.02 31.15 -16.71
N ASP D 26 -37.43 31.58 -17.82
CA ASP D 26 -35.98 31.72 -17.91
C ASP D 26 -35.59 33.15 -17.52
N ALA D 27 -35.45 33.38 -16.22
CA ALA D 27 -35.20 34.73 -15.70
C ALA D 27 -33.99 35.42 -16.33
N PRO D 28 -32.83 34.74 -16.34
CA PRO D 28 -31.62 35.36 -16.92
C PRO D 28 -31.84 35.77 -18.37
N GLY D 29 -32.72 35.08 -19.08
CA GLY D 29 -32.97 35.36 -20.48
C GLY D 29 -34.02 36.42 -20.72
N LEU D 30 -34.60 36.92 -19.63
CA LEU D 30 -35.65 37.94 -19.73
C LEU D 30 -35.12 39.24 -20.33
N ASN D 31 -36.02 40.21 -20.48
CA ASN D 31 -35.66 41.51 -21.04
CA ASN D 31 -35.67 41.51 -21.04
C ASN D 31 -35.41 42.55 -19.95
N TYR D 32 -34.14 42.93 -19.78
CA TYR D 32 -33.76 43.92 -18.80
C TYR D 32 -33.38 45.24 -19.48
N LYS D 33 -33.60 46.34 -18.79
CA LYS D 33 -33.24 47.65 -19.33
C LYS D 33 -31.72 47.74 -19.50
N ALA D 34 -31.29 48.70 -20.31
CA ALA D 34 -29.86 48.87 -20.59
C ALA D 34 -29.04 48.94 -19.31
N GLY D 35 -27.95 48.17 -19.26
CA GLY D 35 -27.06 48.17 -18.12
C GLY D 35 -27.53 47.28 -16.98
N ASP D 36 -28.75 46.80 -17.08
CA ASP D 36 -29.32 45.94 -16.04
C ASP D 36 -29.27 44.48 -16.48
N SER D 37 -29.37 43.57 -15.50
CA SER D 37 -29.36 42.15 -15.78
C SER D 37 -29.92 41.34 -14.60
N PHE D 38 -30.13 40.06 -14.80
CA PHE D 38 -30.63 39.18 -13.76
C PHE D 38 -29.81 39.22 -12.48
N LYS D 39 -30.49 39.19 -11.35
CA LYS D 39 -29.86 39.07 -10.07
C LYS D 39 -30.38 37.87 -9.33
N ALA D 40 -31.67 37.79 -9.07
CA ALA D 40 -32.23 36.69 -8.35
C ALA D 40 -33.65 36.45 -8.72
N ALA D 41 -34.13 35.26 -8.43
CA ALA D 41 -35.51 34.89 -8.69
C ALA D 41 -36.02 33.99 -7.57
N VAL D 42 -37.33 34.02 -7.34
CA VAL D 42 -37.93 33.17 -6.31
C VAL D 42 -39.29 32.65 -6.79
N LYS D 43 -39.56 31.39 -6.51
CA LYS D 43 -40.81 30.76 -6.93
C LYS D 43 -41.77 30.63 -5.75
N GLY D 44 -43.02 31.04 -5.97
CA GLY D 44 -44.04 30.97 -4.94
C GLY D 44 -45.44 31.02 -5.49
N LYS D 45 -46.39 31.40 -4.66
CA LYS D 45 -47.80 31.50 -5.05
C LYS D 45 -48.28 32.95 -4.99
N SER D 46 -49.39 33.24 -5.66
CA SER D 46 -49.92 34.60 -5.73
C SER D 46 -50.49 35.07 -4.40
N ASN D 47 -50.91 34.13 -3.55
CA ASN D 47 -51.44 34.46 -2.24
C ASN D 47 -50.33 34.56 -1.19
N GLN D 48 -49.15 34.05 -1.55
CA GLN D 48 -48.00 34.11 -0.67
C GLN D 48 -47.28 35.45 -0.79
N PRO D 49 -46.96 36.06 0.36
CA PRO D 49 -46.20 37.31 0.35
C PRO D 49 -44.76 37.05 -0.06
N VAL D 50 -44.16 37.96 -0.82
CA VAL D 50 -42.74 37.83 -1.15
C VAL D 50 -41.92 38.70 -0.19
N VAL D 51 -40.90 38.10 0.41
CA VAL D 51 -40.06 38.80 1.37
C VAL D 51 -38.72 39.22 0.77
N PHE D 52 -38.30 40.44 1.10
CA PHE D 52 -37.01 40.96 0.64
C PHE D 52 -36.13 41.27 1.84
N VAL D 53 -34.87 40.85 1.76
CA VAL D 53 -33.90 41.17 2.80
C VAL D 53 -32.78 42.02 2.20
N ASP D 54 -32.62 43.24 2.70
CA ASP D 54 -31.60 44.14 2.16
C ASP D 54 -30.23 43.89 2.77
N SER D 55 -29.23 44.58 2.24
CA SER D 55 -27.84 44.37 2.63
C SER D 55 -27.54 44.80 4.07
N THR D 56 -28.44 45.56 4.68
CA THR D 56 -28.25 46.03 6.05
C THR D 56 -28.89 45.07 7.06
N GLY D 57 -29.64 44.10 6.56
CA GLY D 57 -30.28 43.12 7.42
C GLY D 57 -31.73 43.43 7.74
N ARG D 58 -32.34 44.29 6.94
CA ARG D 58 -33.76 44.60 7.11
C ARG D 58 -34.62 43.72 6.19
N SER D 59 -35.82 43.41 6.64
CA SER D 59 -36.74 42.60 5.84
CA SER D 59 -36.75 42.59 5.86
C SER D 59 -37.99 43.37 5.46
N TYR D 60 -38.51 43.10 4.27
CA TYR D 60 -39.69 43.77 3.74
C TYR D 60 -40.61 42.74 3.11
N ALA D 61 -41.90 43.02 3.12
CA ALA D 61 -42.89 42.13 2.51
C ALA D 61 -43.77 42.86 1.51
N ILE D 62 -43.96 42.25 0.35
CA ILE D 62 -44.84 42.80 -0.68
C ILE D 62 -45.79 41.73 -1.21
N ASP D 63 -47.03 42.11 -1.44
CA ASP D 63 -48.01 41.22 -2.04
C ASP D 63 -47.81 41.15 -3.55
N PRO D 64 -47.50 39.95 -4.06
CA PRO D 64 -47.18 39.71 -5.47
C PRO D 64 -48.20 40.29 -6.43
N ILE D 65 -49.48 40.27 -6.04
CA ILE D 65 -50.55 40.78 -6.89
C ILE D 65 -50.31 42.24 -7.30
N THR D 66 -49.69 43.01 -6.42
CA THR D 66 -49.47 44.43 -6.66
C THR D 66 -48.27 44.69 -7.57
N LEU D 67 -47.59 43.61 -7.96
CA LEU D 67 -46.40 43.72 -8.81
C LEU D 67 -46.77 43.63 -10.29
N PRO D 68 -45.96 44.27 -11.15
CA PRO D 68 -46.17 44.25 -12.60
C PRO D 68 -45.74 42.92 -13.21
N SER D 69 -46.30 42.58 -14.38
CA SER D 69 -45.99 41.33 -15.05
C SER D 69 -44.55 41.33 -15.59
N ALA D 70 -44.03 40.13 -15.88
CA ALA D 70 -42.68 40.00 -16.41
C ALA D 70 -42.64 40.33 -17.90
N ARG D 71 -43.78 40.76 -18.43
CA ARG D 71 -43.88 41.15 -19.84
C ARG D 71 -43.25 42.52 -20.06
N GLY D 72 -43.27 43.34 -19.01
CA GLY D 72 -42.67 44.66 -19.06
C GLY D 72 -41.29 44.64 -18.42
N GLN D 73 -40.62 45.80 -18.39
CA GLN D 73 -39.31 45.93 -17.77
C GLN D 73 -39.42 45.75 -16.26
N GLY D 74 -40.64 45.73 -15.75
CA GLY D 74 -40.88 45.66 -14.32
C GLY D 74 -40.92 47.04 -13.70
N GLU D 75 -40.69 47.12 -12.40
CA GLU D 75 -40.67 48.39 -11.71
C GLU D 75 -39.59 48.42 -10.63
N PRO D 76 -39.12 49.62 -10.27
CA PRO D 76 -38.11 49.76 -9.23
C PRO D 76 -38.71 49.51 -7.84
N LEU D 77 -38.04 48.68 -7.03
CA LEU D 77 -38.51 48.39 -5.69
C LEU D 77 -38.68 49.66 -4.85
N THR D 78 -37.96 50.71 -5.22
CA THR D 78 -38.04 51.98 -4.52
C THR D 78 -39.46 52.54 -4.52
N GLY D 79 -40.26 52.09 -5.49
CA GLY D 79 -41.64 52.51 -5.59
C GLY D 79 -42.47 52.06 -4.40
N LYS D 80 -42.15 50.87 -3.88
CA LYS D 80 -42.90 50.29 -2.78
C LYS D 80 -42.09 50.21 -1.48
N LEU D 81 -40.76 50.23 -1.61
CA LEU D 81 -39.90 50.12 -0.44
C LEU D 81 -39.00 51.34 -0.25
N THR D 82 -38.70 51.64 1.01
CA THR D 82 -37.71 52.64 1.35
C THR D 82 -36.55 51.98 2.07
N LEU D 83 -35.42 51.85 1.38
CA LEU D 83 -34.25 51.18 1.95
C LEU D 83 -33.27 52.20 2.53
N PRO D 84 -32.43 51.75 3.46
CA PRO D 84 -31.39 52.63 4.00
C PRO D 84 -30.48 53.12 2.87
N PRO D 85 -29.84 54.28 3.06
CA PRO D 85 -28.96 54.84 2.04
C PRO D 85 -27.89 53.84 1.60
N GLY D 86 -27.78 53.61 0.30
CA GLY D 86 -26.75 52.75 -0.24
C GLY D 86 -27.04 51.26 -0.12
N ALA D 87 -28.17 50.91 0.49
CA ALA D 87 -28.54 49.51 0.66
C ALA D 87 -29.13 48.93 -0.61
N THR D 88 -29.01 47.61 -0.76
CA THR D 88 -29.61 46.90 -1.88
C THR D 88 -30.32 45.64 -1.38
N VAL D 89 -31.29 45.17 -2.14
CA VAL D 89 -31.96 43.91 -1.82
C VAL D 89 -31.11 42.77 -2.36
N ASP D 90 -30.72 41.86 -1.48
CA ASP D 90 -29.83 40.76 -1.85
CA ASP D 90 -29.83 40.76 -1.85
C ASP D 90 -30.50 39.39 -1.75
N HIS D 91 -31.62 39.33 -1.03
CA HIS D 91 -32.31 38.05 -0.83
C HIS D 91 -33.83 38.14 -0.94
N MSE D 92 -34.43 37.14 -1.55
CA MSE D 92 -35.89 37.02 -1.61
C MSE D 92 -36.35 35.67 -1.08
O MSE D 92 -35.69 34.65 -1.28
CB MSE D 92 -36.39 37.21 -3.04
CG MSE D 92 -36.31 38.64 -3.55
SE MSE D 92 -37.17 38.79 -5.29
CE MSE D 92 -36.09 37.51 -6.28
N LEU D 93 -37.50 35.66 -0.43
CA LEU D 93 -38.06 34.44 0.12
C LEU D 93 -39.56 34.35 -0.07
N MSE D 94 -40.04 33.15 -0.38
CA MSE D 94 -41.47 32.85 -0.41
C MSE D 94 -41.71 31.48 0.20
O MSE D 94 -41.51 30.46 -0.45
CB MSE D 94 -42.02 32.92 -1.83
CG MSE D 94 -41.97 34.30 -2.47
SE MSE D 94 -42.87 34.38 -4.20
CE MSE D 94 -44.71 34.51 -3.58
N GLU D 95 -42.12 31.47 1.47
CA GLU D 95 -42.34 30.22 2.18
C GLU D 95 -43.66 30.30 2.95
N SER D 96 -44.09 29.17 3.50
CA SER D 96 -45.28 29.15 4.35
C SER D 96 -45.02 30.01 5.58
N ASP D 97 -46.08 30.63 6.10
CA ASP D 97 -45.94 31.53 7.24
CA ASP D 97 -45.98 31.52 7.25
C ASP D 97 -45.22 30.89 8.41
N ASP D 98 -45.39 29.58 8.57
CA ASP D 98 -44.78 28.86 9.70
C ASP D 98 -43.37 28.35 9.40
N GLN D 99 -42.91 28.55 8.17
CA GLN D 99 -41.62 28.00 7.74
C GLN D 99 -40.46 28.48 8.59
N LYS D 100 -39.77 27.54 9.23
CA LYS D 100 -38.61 27.85 10.06
C LYS D 100 -37.41 28.22 9.19
N LEU D 101 -36.71 29.28 9.59
CA LEU D 101 -35.59 29.79 8.80
C LEU D 101 -34.36 30.02 9.66
N LEU D 102 -33.20 30.00 9.03
CA LEU D 102 -31.94 30.28 9.71
C LEU D 102 -31.33 31.57 9.19
N MSE D 103 -31.35 32.61 10.04
CA MSE D 103 -30.74 33.88 9.71
C MSE D 103 -29.37 33.95 10.36
O MSE D 103 -29.16 33.44 11.45
CB MSE D 103 -31.60 35.03 10.20
CG MSE D 103 -33.04 35.02 9.68
SE MSE D 103 -33.15 35.10 7.73
CE MSE D 103 -32.00 36.65 7.41
N ALA D 104 -28.42 34.60 9.68
CA ALA D 104 -27.07 34.71 10.20
C ALA D 104 -26.25 35.77 9.46
N SER D 105 -25.22 36.28 10.13
CA SER D 105 -24.25 37.18 9.51
C SER D 105 -22.94 36.44 9.36
N ASP D 106 -22.05 36.97 8.54
CA ASP D 106 -20.77 36.30 8.29
C ASP D 106 -19.80 36.50 9.45
N ALA D 107 -20.24 37.24 10.48
CA ALA D 107 -19.45 37.40 11.69
C ALA D 107 -19.60 36.18 12.58
N GLY D 108 -20.50 35.27 12.19
CA GLY D 108 -20.69 34.03 12.91
C GLY D 108 -21.85 34.09 13.91
N TYR D 109 -22.67 35.12 13.80
CA TYR D 109 -23.85 35.25 14.66
C TYR D 109 -25.11 34.95 13.87
N GLY D 110 -26.09 34.35 14.53
CA GLY D 110 -27.35 34.01 13.88
C GLY D 110 -28.40 33.48 14.82
N PHE D 111 -29.60 33.31 14.29
CA PHE D 111 -30.73 32.81 15.09
C PHE D 111 -31.75 32.13 14.20
N VAL D 112 -32.54 31.25 14.79
CA VAL D 112 -33.63 30.59 14.08
C VAL D 112 -34.90 31.41 14.24
N CYS D 113 -35.64 31.56 13.14
CA CYS D 113 -36.90 32.30 13.19
C CYS D 113 -37.92 31.68 12.23
N THR D 114 -39.04 32.38 12.08
CA THR D 114 -40.11 31.94 11.22
C THR D 114 -40.32 32.94 10.08
N PHE D 115 -40.77 32.44 8.93
CA PHE D 115 -41.02 33.30 7.78
C PHE D 115 -41.89 34.50 8.15
N ASN D 116 -42.87 34.27 9.01
CA ASN D 116 -43.77 35.32 9.48
C ASN D 116 -43.01 36.47 10.15
N ASP D 117 -41.85 36.15 10.72
CA ASP D 117 -41.04 37.13 11.41
C ASP D 117 -40.39 38.11 10.44
N LEU D 118 -40.30 37.73 9.17
CA LEU D 118 -39.69 38.58 8.16
C LEU D 118 -40.74 39.45 7.47
N VAL D 119 -42.01 39.10 7.64
CA VAL D 119 -43.09 39.81 6.98
C VAL D 119 -43.35 41.18 7.60
N ALA D 120 -42.83 42.23 6.95
CA ALA D 120 -43.07 43.59 7.38
C ALA D 120 -43.76 44.37 6.25
N ARG D 121 -45.02 44.72 6.46
CA ARG D 121 -45.83 45.38 5.45
C ARG D 121 -45.38 46.81 5.18
N ASN D 122 -44.99 47.52 6.25
CA ASN D 122 -44.57 48.91 6.13
C ASN D 122 -43.39 49.06 5.16
N ARG D 123 -43.37 50.17 4.43
CA ARG D 123 -42.40 50.36 3.36
C ARG D 123 -40.96 50.48 3.85
N ALA D 124 -40.79 50.76 5.14
CA ALA D 124 -39.45 50.86 5.72
C ALA D 124 -38.95 49.52 6.24
N GLY D 125 -39.82 48.51 6.16
CA GLY D 125 -39.48 47.17 6.61
C GLY D 125 -39.17 47.11 8.10
N LYS D 126 -38.46 46.06 8.50
CA LYS D 126 -38.09 45.90 9.91
C LYS D 126 -36.63 45.49 10.04
N ALA D 127 -36.01 45.89 11.13
CA ALA D 127 -34.64 45.48 11.43
C ALA D 127 -34.63 44.02 11.87
N LEU D 128 -34.33 43.13 10.93
CA LEU D 128 -34.35 41.70 11.20
C LEU D 128 -33.09 41.23 11.91
N ILE D 129 -31.96 41.38 11.24
CA ILE D 129 -30.69 40.92 11.79
C ILE D 129 -29.68 42.07 11.86
N THR D 130 -29.06 42.23 13.02
CA THR D 130 -28.10 43.30 13.24
C THR D 130 -26.70 42.88 12.85
N LEU D 131 -26.05 43.69 12.02
CA LEU D 131 -24.73 43.37 11.49
C LEU D 131 -23.61 44.06 12.26
N PRO D 132 -22.65 43.27 12.78
CA PRO D 132 -21.44 43.82 13.39
C PRO D 132 -20.62 44.59 12.35
N GLU D 133 -19.55 45.24 12.79
CA GLU D 133 -18.72 46.06 11.91
C GLU D 133 -18.23 45.29 10.68
N ASN D 134 -18.58 45.80 9.50
CA ASN D 134 -18.15 45.22 8.23
C ASN D 134 -18.71 43.83 7.95
N ALA D 135 -19.71 43.42 8.73
CA ALA D 135 -20.32 42.11 8.54
C ALA D 135 -21.38 42.13 7.46
N HIS D 136 -21.60 40.99 6.82
CA HIS D 136 -22.59 40.87 5.76
C HIS D 136 -23.64 39.84 6.11
N VAL D 137 -24.82 40.00 5.53
CA VAL D 137 -25.91 39.04 5.73
C VAL D 137 -25.63 37.76 4.97
N MSE D 138 -25.79 36.62 5.65
CA MSE D 138 -25.64 35.32 5.01
C MSE D 138 -26.89 34.99 4.21
O MSE D 138 -27.98 35.48 4.52
CB MSE D 138 -25.40 34.23 6.06
CG MSE D 138 -24.09 34.37 6.83
SE MSE D 138 -22.54 34.11 5.69
CE MSE D 138 -22.76 32.20 5.31
N PRO D 139 -26.75 34.16 3.17
CA PRO D 139 -27.94 33.67 2.48
C PRO D 139 -28.83 32.94 3.48
N PRO D 140 -30.06 33.42 3.68
CA PRO D 140 -30.94 32.74 4.64
C PRO D 140 -31.14 31.28 4.25
N VAL D 141 -31.26 30.40 5.25
CA VAL D 141 -31.39 28.98 4.99
C VAL D 141 -32.75 28.45 5.45
N VAL D 142 -33.44 27.76 4.54
CA VAL D 142 -34.73 27.16 4.87
C VAL D 142 -34.53 25.84 5.61
N ILE D 143 -35.07 25.77 6.82
CA ILE D 143 -34.95 24.57 7.65
C ILE D 143 -36.06 23.58 7.33
N GLU D 144 -35.72 22.52 6.61
CA GLU D 144 -36.71 21.55 6.16
C GLU D 144 -37.18 20.64 7.29
N ASP D 145 -36.23 20.21 8.13
CA ASP D 145 -36.55 19.34 9.25
C ASP D 145 -35.98 19.90 10.55
N ALA D 146 -36.82 20.04 11.56
CA ALA D 146 -36.40 20.59 12.85
C ALA D 146 -35.31 19.77 13.50
N SER D 147 -35.08 18.56 12.97
CA SER D 147 -34.09 17.65 13.53
C SER D 147 -32.76 17.72 12.81
N ASP D 148 -32.72 18.47 11.72
CA ASP D 148 -31.49 18.60 10.92
C ASP D 148 -30.35 19.23 11.71
N MSE D 149 -29.13 18.97 11.25
CA MSE D 149 -27.94 19.51 11.87
C MSE D 149 -27.56 20.83 11.24
O MSE D 149 -27.76 21.02 10.03
CB MSE D 149 -26.77 18.54 11.73
CG MSE D 149 -27.07 17.11 12.16
SE MSE D 149 -27.43 16.97 14.07
CE MSE D 149 -25.67 17.47 14.75
N LEU D 150 -27.01 21.74 12.03
CA LEU D 150 -26.43 22.96 11.51
C LEU D 150 -24.94 22.73 11.26
N LEU D 151 -24.49 23.04 10.04
CA LEU D 151 -23.08 22.90 9.70
C LEU D 151 -22.49 24.26 9.34
N ALA D 152 -21.43 24.64 10.04
CA ALA D 152 -20.78 25.92 9.79
C ALA D 152 -19.33 25.72 9.38
N ILE D 153 -18.91 26.46 8.36
CA ILE D 153 -17.52 26.43 7.90
C ILE D 153 -16.99 27.85 7.82
N THR D 154 -15.84 28.11 8.44
CA THR D 154 -15.26 29.43 8.44
C THR D 154 -14.22 29.58 7.32
N GLN D 155 -13.87 30.83 7.03
CA GLN D 155 -12.86 31.11 6.01
C GLN D 155 -11.51 30.55 6.41
N ALA D 156 -11.27 30.48 7.72
CA ALA D 156 -10.02 29.94 8.24
C ALA D 156 -9.96 28.44 8.08
N GLY D 157 -11.11 27.84 7.80
CA GLY D 157 -11.18 26.41 7.56
C GLY D 157 -11.59 25.59 8.77
N ARG D 158 -12.34 26.21 9.68
CA ARG D 158 -12.85 25.49 10.84
C ARG D 158 -14.30 25.10 10.64
N MSE D 159 -14.67 23.94 11.16
CA MSE D 159 -16.04 23.43 11.03
C MSE D 159 -16.64 23.11 12.40
O MSE D 159 -15.94 22.70 13.32
CB MSE D 159 -16.07 22.19 10.15
CG MSE D 159 -15.73 22.44 8.70
SE MSE D 159 -15.77 20.78 7.67
CE MSE D 159 -17.55 20.17 8.16
N LEU D 160 -17.95 23.31 12.49
CA LEU D 160 -18.68 22.98 13.70
C LEU D 160 -20.08 22.51 13.33
N MSE D 161 -20.51 21.41 13.91
CA MSE D 161 -21.85 20.88 13.66
C MSE D 161 -22.59 20.64 14.97
O MSE D 161 -21.99 20.24 15.97
CB MSE D 161 -21.77 19.59 12.84
CG MSE D 161 -23.12 19.07 12.36
SE MSE D 161 -22.97 17.61 11.06
CE MSE D 161 -23.04 16.09 12.29
N PHE D 162 -23.88 20.92 14.96
CA PHE D 162 -24.75 20.67 16.11
C PHE D 162 -26.20 20.78 15.68
N PRO D 163 -27.11 20.11 16.41
CA PRO D 163 -28.53 20.18 16.07
C PRO D 163 -28.99 21.62 15.94
N VAL D 164 -29.68 21.94 14.85
CA VAL D 164 -30.12 23.30 14.60
C VAL D 164 -31.07 23.77 15.69
N SER D 165 -31.59 22.82 16.47
CA SER D 165 -32.51 23.14 17.56
C SER D 165 -31.78 23.80 18.73
N ASP D 166 -30.46 23.63 18.78
CA ASP D 166 -29.66 24.22 19.85
C ASP D 166 -29.56 25.73 19.70
N LEU D 167 -29.71 26.23 18.48
CA LEU D 167 -29.62 27.66 18.23
C LEU D 167 -30.90 28.36 18.67
N PRO D 168 -30.80 29.27 19.64
CA PRO D 168 -31.96 29.98 20.19
C PRO D 168 -32.80 30.61 19.11
N GLN D 169 -34.12 30.58 19.28
CA GLN D 169 -35.03 31.16 18.31
C GLN D 169 -35.37 32.61 18.67
N LEU D 170 -35.17 33.52 17.72
CA LEU D 170 -35.43 34.93 17.94
C LEU D 170 -36.29 35.49 16.80
N SER D 171 -36.89 36.65 17.02
CA SER D 171 -37.68 37.31 15.99
C SER D 171 -36.89 38.43 15.34
N LYS D 172 -35.76 38.79 15.95
CA LYS D 172 -34.90 39.84 15.43
C LYS D 172 -33.64 39.97 16.28
N GLY D 173 -32.74 40.86 15.87
CA GLY D 173 -31.55 41.14 16.65
C GLY D 173 -30.27 40.61 16.03
N LYS D 174 -29.17 40.75 16.78
CA LYS D 174 -27.87 40.27 16.35
C LYS D 174 -27.81 38.75 16.39
N GLY D 175 -28.53 38.17 17.34
CA GLY D 175 -28.55 36.73 17.52
C GLY D 175 -27.40 36.25 18.37
N ASN D 176 -27.29 34.94 18.54
CA ASN D 176 -26.18 34.35 19.28
C ASN D 176 -25.15 33.80 18.32
N LYS D 177 -23.93 33.57 18.80
CA LYS D 177 -22.88 33.09 17.92
C LYS D 177 -23.05 31.61 17.57
N ILE D 178 -23.02 31.34 16.26
CA ILE D 178 -23.12 29.98 15.74
C ILE D 178 -21.78 29.30 15.93
N ILE D 179 -20.74 29.90 15.37
CA ILE D 179 -19.38 29.41 15.55
C ILE D 179 -18.51 30.57 16.03
N ASN D 180 -17.52 30.27 16.87
CA ASN D 180 -16.71 31.31 17.49
C ASN D 180 -15.67 31.93 16.57
N ILE D 181 -15.94 33.16 16.13
CA ILE D 181 -14.98 33.91 15.32
C ILE D 181 -14.65 35.23 16.01
N PRO D 182 -13.36 35.50 16.22
CA PRO D 182 -12.92 36.72 16.89
C PRO D 182 -13.54 37.96 16.25
N SER D 183 -14.31 38.72 17.03
CA SER D 183 -14.99 39.90 16.53
CA SER D 183 -14.99 39.90 16.53
C SER D 183 -14.04 40.83 15.76
N ALA D 184 -12.83 41.01 16.29
CA ALA D 184 -11.85 41.89 15.66
C ALA D 184 -11.43 41.37 14.29
N GLU D 185 -11.24 40.07 14.18
CA GLU D 185 -10.85 39.46 12.91
C GLU D 185 -11.96 39.57 11.87
N ALA D 186 -13.18 39.28 12.29
CA ALA D 186 -14.34 39.35 11.40
C ALA D 186 -14.50 40.75 10.82
N ALA D 187 -14.32 41.76 11.67
CA ALA D 187 -14.50 43.15 11.26
C ALA D 187 -13.40 43.61 10.29
N ARG D 188 -12.36 42.79 10.14
CA ARG D 188 -11.25 43.11 9.26
C ARG D 188 -11.19 42.16 8.07
N GLY D 189 -12.19 41.29 7.96
CA GLY D 189 -12.25 40.33 6.87
C GLY D 189 -11.17 39.27 6.93
N GLU D 190 -10.52 39.14 8.08
CA GLU D 190 -9.45 38.16 8.24
C GLU D 190 -10.00 36.76 8.46
N ASP D 191 -11.23 36.69 8.96
CA ASP D 191 -11.94 35.42 9.10
C ASP D 191 -13.43 35.70 9.09
N GLY D 192 -14.22 34.65 8.96
CA GLY D 192 -15.66 34.80 8.92
C GLY D 192 -16.39 33.54 8.49
N LEU D 193 -17.71 33.58 8.56
CA LEU D 193 -18.53 32.45 8.15
C LEU D 193 -18.48 32.30 6.65
N ALA D 194 -17.88 31.21 6.17
CA ALA D 194 -17.73 30.97 4.75
C ALA D 194 -18.90 30.19 4.18
N GLN D 195 -19.34 29.16 4.91
CA GLN D 195 -20.45 28.33 4.48
C GLN D 195 -21.37 28.01 5.66
N LEU D 196 -22.66 27.90 5.38
CA LEU D 196 -23.63 27.61 6.43
C LEU D 196 -24.73 26.71 5.87
N TYR D 197 -24.88 25.53 6.47
CA TYR D 197 -25.87 24.55 6.00
C TYR D 197 -26.76 24.02 7.11
N VAL D 198 -27.93 23.54 6.71
CA VAL D 198 -28.79 22.77 7.58
C VAL D 198 -29.16 21.50 6.84
N LEU D 199 -28.71 20.36 7.35
CA LEU D 199 -28.87 19.09 6.65
C LEU D 199 -29.04 17.92 7.60
N PRO D 200 -29.52 16.82 7.06
CA PRO D 200 -29.68 15.58 7.78
C PRO D 200 -28.37 15.12 8.33
N PRO D 201 -28.39 14.39 9.42
CA PRO D 201 -27.15 13.99 10.08
C PRO D 201 -26.37 12.91 9.34
N GLN D 202 -27.01 12.10 8.50
CA GLN D 202 -26.24 11.14 7.73
C GLN D 202 -25.95 11.65 6.34
N SER D 203 -25.27 12.77 6.26
CA SER D 203 -24.97 13.37 4.99
C SER D 203 -23.49 13.29 4.67
N THR D 204 -23.18 13.35 3.39
CA THR D 204 -21.83 13.23 2.92
C THR D 204 -21.50 14.44 2.08
N LEU D 205 -20.45 15.14 2.45
CA LEU D 205 -20.05 16.32 1.70
C LEU D 205 -18.81 16.07 0.85
N THR D 206 -18.84 16.58 -0.37
CA THR D 206 -17.67 16.58 -1.23
C THR D 206 -17.28 18.03 -1.49
N ILE D 207 -16.16 18.44 -0.92
CA ILE D 207 -15.73 19.83 -1.01
C ILE D 207 -14.63 20.01 -2.05
N HIS D 208 -14.87 20.92 -3.00
CA HIS D 208 -13.90 21.20 -4.04
C HIS D 208 -13.03 22.39 -3.68
N VAL D 209 -11.73 22.15 -3.55
CA VAL D 209 -10.77 23.19 -3.25
C VAL D 209 -9.68 23.21 -4.31
N GLY D 210 -9.81 24.11 -5.27
CA GLY D 210 -8.90 24.15 -6.39
C GLY D 210 -8.98 22.87 -7.20
N LYS D 211 -7.86 22.16 -7.29
CA LYS D 211 -7.79 20.91 -8.04
C LYS D 211 -7.93 19.70 -7.13
N ARG D 212 -8.28 19.94 -5.87
CA ARG D 212 -8.43 18.87 -4.89
C ARG D 212 -9.89 18.69 -4.46
N LYS D 213 -10.19 17.48 -4.00
CA LYS D 213 -11.51 17.20 -3.44
C LYS D 213 -11.38 16.61 -2.04
N ILE D 214 -12.06 17.21 -1.07
CA ILE D 214 -12.09 16.69 0.28
C ILE D 214 -13.46 16.09 0.56
N LYS D 215 -13.49 14.78 0.80
CA LYS D 215 -14.76 14.09 1.04
C LYS D 215 -14.98 13.85 2.52
N LEU D 216 -16.03 14.44 3.07
CA LEU D 216 -16.34 14.25 4.47
C LEU D 216 -17.55 13.36 4.62
N ARG D 217 -17.32 12.17 5.15
CA ARG D 217 -18.34 11.19 5.44
C ARG D 217 -19.00 11.52 6.76
N PRO D 218 -20.11 10.86 7.06
CA PRO D 218 -20.84 11.13 8.29
C PRO D 218 -19.92 10.90 9.48
N GLU D 219 -18.96 10.01 9.32
CA GLU D 219 -18.02 9.72 10.41
C GLU D 219 -17.12 10.92 10.69
N GLU D 220 -16.65 11.58 9.64
CA GLU D 220 -15.83 12.78 9.80
C GLU D 220 -16.65 13.94 10.38
N LEU D 221 -17.86 14.10 9.88
CA LEU D 221 -18.74 15.15 10.37
C LEU D 221 -19.04 14.96 11.84
N GLN D 222 -19.04 13.71 12.28
CA GLN D 222 -19.26 13.39 13.69
C GLN D 222 -18.14 13.96 14.56
N LYS D 223 -16.91 13.84 14.08
CA LYS D 223 -15.76 14.31 14.83
C LYS D 223 -15.76 15.84 15.00
N VAL D 224 -16.52 16.53 14.16
CA VAL D 224 -16.55 17.99 14.21
C VAL D 224 -17.82 18.49 14.90
N THR D 225 -18.63 17.56 15.40
CA THR D 225 -19.84 17.92 16.14
C THR D 225 -19.46 18.40 17.53
N GLY D 226 -20.14 19.43 18.00
CA GLY D 226 -19.85 19.96 19.33
C GLY D 226 -20.90 20.94 19.80
N GLU D 227 -20.53 21.75 20.79
CA GLU D 227 -21.45 22.73 21.37
C GLU D 227 -21.52 23.99 20.51
N ARG D 228 -22.72 24.55 20.42
CA ARG D 228 -22.93 25.80 19.70
C ARG D 228 -22.06 26.92 20.24
N GLY D 229 -21.46 27.69 19.34
CA GLY D 229 -20.69 28.86 19.71
C GLY D 229 -19.22 28.61 20.01
N ARG D 230 -18.77 27.37 19.83
CA ARG D 230 -17.37 27.02 20.07
C ARG D 230 -16.50 27.35 18.86
N ARG D 231 -15.23 26.95 18.92
CA ARG D 231 -14.23 27.40 17.94
C ARG D 231 -14.59 27.16 16.46
N GLY D 232 -14.62 25.91 16.00
CA GLY D 232 -14.32 24.72 16.77
C GLY D 232 -13.15 23.94 16.21
N THR D 233 -13.40 23.11 15.20
CA THR D 233 -12.37 22.20 14.69
C THR D 233 -11.72 22.65 13.38
N LEU D 234 -10.40 22.74 13.40
CA LEU D 234 -9.64 23.18 12.22
C LEU D 234 -9.41 22.03 11.23
N MSE D 235 -9.69 22.29 9.96
CA MSE D 235 -9.55 21.27 8.92
CA MSE D 235 -9.54 21.27 8.93
C MSE D 235 -8.33 21.55 8.04
O MSE D 235 -7.99 22.70 7.79
CB MSE D 235 -10.81 21.22 8.06
CB MSE D 235 -10.81 21.17 8.09
CG MSE D 235 -12.10 21.20 8.86
CG MSE D 235 -12.08 20.86 8.88
SE MSE D 235 -12.15 19.73 10.13
SE MSE D 235 -12.09 19.07 9.66
CE MSE D 235 -13.66 20.34 11.19
CE MSE D 235 -12.02 18.03 8.01
N ARG D 236 -7.71 20.48 7.55
CA ARG D 236 -6.55 20.60 6.67
C ARG D 236 -6.97 20.97 5.26
N GLY D 237 -6.28 21.95 4.68
CA GLY D 237 -6.51 22.36 3.30
C GLY D 237 -7.96 22.62 2.95
N LEU D 238 -8.68 23.28 3.85
CA LEU D 238 -10.10 23.55 3.62
C LEU D 238 -10.37 25.06 3.53
N GLN D 239 -9.42 25.79 2.95
CA GLN D 239 -9.60 27.21 2.72
C GLN D 239 -9.86 27.51 1.24
N ARG D 240 -10.59 28.58 0.98
CA ARG D 240 -10.93 28.96 -0.39
C ARG D 240 -11.74 27.89 -1.11
N ILE D 241 -12.84 27.48 -0.50
CA ILE D 241 -13.73 26.49 -1.09
C ILE D 241 -14.37 26.99 -2.38
N ASP D 242 -14.30 26.18 -3.43
CA ASP D 242 -14.86 26.54 -4.73
C ASP D 242 -16.28 26.02 -4.92
N ARG D 243 -16.56 24.86 -4.33
CA ARG D 243 -17.88 24.24 -4.49
C ARG D 243 -18.11 23.13 -3.47
N VAL D 244 -19.36 22.95 -3.07
CA VAL D 244 -19.72 21.95 -2.09
C VAL D 244 -20.89 21.09 -2.56
N GLU D 245 -20.64 19.79 -2.67
CA GLU D 245 -21.69 18.84 -3.03
C GLU D 245 -22.23 18.16 -1.78
N ILE D 246 -23.54 18.19 -1.61
CA ILE D 246 -24.16 17.63 -0.42
C ILE D 246 -25.06 16.45 -0.75
N ASP D 247 -24.75 15.29 -0.19
CA ASP D 247 -25.53 14.08 -0.38
C ASP D 247 -26.29 13.76 0.91
N SER D 248 -27.61 13.88 0.87
CA SER D 248 -28.43 13.68 2.06
C SER D 248 -29.61 12.75 1.80
N PRO D 249 -29.53 11.53 2.32
CA PRO D 249 -30.62 10.54 2.23
C PRO D 249 -31.85 11.00 3.02
#